data_4M0E
#
_entry.id   4M0E
#
_cell.length_a   105.063
_cell.length_b   105.063
_cell.length_c   323.587
_cell.angle_alpha   90.000
_cell.angle_beta   90.000
_cell.angle_gamma   120.000
#
_symmetry.space_group_name_H-M   'P 31 2 1'
#
loop_
_entity.id
_entity.type
_entity.pdbx_description
1 polymer Acetylcholinesterase
2 branched 2-acetamido-2-deoxy-beta-D-glucopyranose-(1-4)-[alpha-L-fucopyranose-(1-6)]2-acetamido-2-deoxy-beta-D-glucopyranose
3 non-polymer 'Dihydrotanshinone I'
4 non-polymer 1,2-ETHANEDIOL
5 non-polymer 2-acetamido-2-deoxy-beta-D-glucopyranose
6 non-polymer 'NITRATE ION'
7 water water
#
_entity_poly.entity_id   1
_entity_poly.type   'polypeptide(L)'
_entity_poly.pdbx_seq_one_letter_code
;GREDAELLVTVRGGRLRGIRLKTPGGPVSAFLGIPFAEPPMGPRRFLPPEPKQPWSGVVDATTFQSVCYQYVDTLYPGFE
GTEMWNPNRELSEDCLYLNVWTPYPRPTSPTPVLVWIYGGGFYSGASSLDVYDGRFLVQAERTVLVSMNYRVGAFGFLAL
PGSREAPGNVGLLDQRLALQWVQENVAAFGGDPTSVTLFGESAGAASVGMHLLSPPSRGLFHRAVLQSGAPNGPWATVGM
GEARRRATQLAHLVGCPPGGTGGNDTELVACLRTRPAQVLVNHEWHVLPQESVFRFSFVPVVDGDFLSDTPEALINAGDF
HGLQVLVGVVKDEGSYFLVYGAPGFSKDNESLISRAEFLAGVRVGVPQVSDLAAEAVVLHYTDWLHPEDPARLREALSDV
VGDHNVVCPVAQLAGRLAAQGARVYAYVFEHRASTLSWPLWMGVPHGYEIEFIFGIPLDPSRNYTAEEKIFAQRLMRYWA
NFARTGDPNEPRDPKAPQWPPYTAGAQQYVSLDLRPLEVRRGLRAQACAFWNRFLPKLLSAT
;
_entity_poly.pdbx_strand_id   A,B
#
# COMPACT_ATOMS: atom_id res chain seq x y z
N GLU A 3 -27.50 -39.02 49.40
CA GLU A 3 -26.80 -39.07 48.13
C GLU A 3 -27.69 -38.63 46.97
N ASP A 4 -27.11 -37.86 46.04
CA ASP A 4 -27.87 -37.28 44.92
C ASP A 4 -27.51 -37.96 43.59
N ALA A 5 -28.47 -38.69 43.03
CA ALA A 5 -28.27 -39.53 41.85
C ALA A 5 -27.97 -38.74 40.59
N GLU A 6 -28.38 -37.47 40.57
CA GLU A 6 -28.10 -36.59 39.44
C GLU A 6 -26.59 -36.39 39.25
N LEU A 7 -25.85 -36.59 40.33
CA LEU A 7 -24.44 -36.32 40.38
C LEU A 7 -23.62 -37.59 40.26
N LEU A 8 -24.26 -38.72 39.95
CA LEU A 8 -23.52 -39.97 39.79
C LEU A 8 -23.70 -40.37 38.35
N VAL A 9 -22.57 -40.60 37.68
CA VAL A 9 -22.58 -40.95 36.27
C VAL A 9 -21.57 -42.05 36.07
N THR A 10 -21.90 -42.97 35.17
CA THR A 10 -20.97 -44.02 34.81
C THR A 10 -20.54 -43.75 33.39
N VAL A 11 -19.23 -43.68 33.17
CA VAL A 11 -18.74 -43.53 31.81
C VAL A 11 -18.00 -44.81 31.49
N ARG A 12 -17.42 -44.91 30.31
CA ARG A 12 -16.79 -46.17 29.92
C ARG A 12 -15.71 -46.64 30.88
N GLY A 13 -14.90 -45.72 31.41
CA GLY A 13 -13.83 -46.11 32.29
C GLY A 13 -14.29 -46.42 33.71
N GLY A 14 -15.52 -46.07 34.06
CA GLY A 14 -15.95 -46.22 35.43
C GLY A 14 -16.88 -45.15 35.93
N ARG A 15 -17.01 -45.09 37.26
CA ARG A 15 -17.99 -44.26 37.93
C ARG A 15 -17.40 -42.93 38.37
N LEU A 16 -18.24 -41.90 38.29
CA LEU A 16 -17.87 -40.53 38.70
C LEU A 16 -18.92 -39.92 39.62
N ARG A 17 -18.45 -39.03 40.50
N ARG A 17 -18.47 -39.05 40.52
CA ARG A 17 -19.29 -38.22 41.36
CA ARG A 17 -19.37 -38.24 41.32
C ARG A 17 -19.09 -36.71 41.06
C ARG A 17 -19.11 -36.74 41.08
N GLY A 18 -20.13 -36.03 40.63
CA GLY A 18 -20.02 -34.60 40.34
C GLY A 18 -20.52 -33.72 41.47
N ILE A 19 -20.78 -32.45 41.15
CA ILE A 19 -21.17 -31.48 42.16
C ILE A 19 -22.26 -30.58 41.59
N ARG A 20 -23.20 -30.17 42.43
CA ARG A 20 -24.27 -29.26 42.02
C ARG A 20 -23.74 -27.85 42.24
N LEU A 21 -23.83 -27.00 41.23
CA LEU A 21 -23.36 -25.61 41.32
C LEU A 21 -24.56 -24.67 41.29
N LYS A 22 -24.44 -23.53 41.97
CA LYS A 22 -25.47 -22.48 41.91
C LYS A 22 -25.21 -21.46 40.80
N THR A 23 -26.28 -20.92 40.23
CA THR A 23 -26.16 -19.74 39.39
C THR A 23 -27.39 -18.90 39.72
N PRO A 24 -27.36 -17.62 39.37
CA PRO A 24 -28.54 -16.76 39.58
C PRO A 24 -29.78 -17.28 38.87
N GLY A 25 -29.61 -18.14 37.87
CA GLY A 25 -30.74 -18.70 37.16
C GLY A 25 -31.16 -20.09 37.63
N GLY A 26 -30.51 -20.63 38.66
CA GLY A 26 -30.79 -21.98 39.13
C GLY A 26 -29.58 -22.90 39.01
N PRO A 27 -29.74 -24.14 39.44
CA PRO A 27 -28.54 -24.99 39.53
C PRO A 27 -28.11 -25.60 38.20
N VAL A 28 -26.90 -26.13 38.25
CA VAL A 28 -26.30 -26.80 37.12
C VAL A 28 -25.53 -27.97 37.71
N SER A 29 -25.35 -29.05 36.95
CA SER A 29 -24.53 -30.16 37.41
C SER A 29 -23.12 -30.04 36.80
N ALA A 30 -22.09 -30.34 37.57
CA ALA A 30 -20.74 -30.25 37.03
C ALA A 30 -19.92 -31.47 37.41
N PHE A 31 -19.14 -31.95 36.45
CA PHE A 31 -18.21 -33.03 36.67
C PHE A 31 -16.85 -32.53 36.26
N LEU A 32 -16.04 -32.20 37.26
CA LEU A 32 -14.77 -31.50 37.01
C LEU A 32 -13.64 -32.44 37.27
N GLY A 33 -12.60 -32.40 36.45
CA GLY A 33 -11.42 -33.21 36.73
C GLY A 33 -11.58 -34.71 36.41
N ILE A 34 -12.30 -34.99 35.34
CA ILE A 34 -12.41 -36.34 34.82
C ILE A 34 -11.19 -36.75 34.02
N PRO A 35 -10.50 -37.80 34.47
CA PRO A 35 -9.31 -38.26 33.74
C PRO A 35 -9.63 -38.79 32.35
N PHE A 36 -8.98 -38.31 31.28
CA PHE A 36 -9.26 -38.85 29.95
C PHE A 36 -8.04 -39.51 29.30
N ALA A 37 -6.86 -39.37 29.90
CA ALA A 37 -5.64 -40.01 29.40
C ALA A 37 -4.87 -40.51 30.59
N GLU A 38 -3.95 -41.46 30.37
CA GLU A 38 -2.93 -41.76 31.38
C GLU A 38 -2.01 -40.54 31.52
N PRO A 39 -1.57 -40.26 32.75
CA PRO A 39 -0.69 -39.11 33.03
C PRO A 39 0.53 -39.11 32.11
N PRO A 40 0.68 -38.04 31.31
CA PRO A 40 1.73 -38.04 30.30
C PRO A 40 3.08 -37.65 30.93
N MET A 41 3.59 -38.48 31.83
CA MET A 41 4.81 -38.10 32.53
C MET A 41 5.85 -39.21 32.57
N GLY A 42 7.03 -38.91 33.09
CA GLY A 42 8.14 -39.83 33.02
C GLY A 42 8.47 -40.23 31.60
N PRO A 43 8.43 -41.55 31.31
CA PRO A 43 8.65 -42.05 29.95
C PRO A 43 7.60 -41.60 28.95
N ARG A 44 6.43 -41.17 29.43
CA ARG A 44 5.38 -40.71 28.52
C ARG A 44 5.45 -39.21 28.17
N ARG A 45 6.38 -38.47 28.78
CA ARG A 45 6.58 -37.07 28.35
C ARG A 45 6.96 -37.01 26.86
N PHE A 46 6.36 -36.05 26.15
CA PHE A 46 6.51 -35.87 24.69
C PHE A 46 5.79 -36.89 23.80
N LEU A 47 5.24 -37.95 24.41
CA LEU A 47 4.52 -38.97 23.64
C LEU A 47 3.03 -38.64 23.48
N PRO A 48 2.42 -39.16 22.39
CA PRO A 48 0.96 -39.05 22.21
C PRO A 48 0.27 -39.58 23.46
N PRO A 49 -0.92 -39.04 23.77
CA PRO A 49 -1.62 -39.47 24.98
C PRO A 49 -2.16 -40.91 24.84
N GLU A 50 -2.14 -41.69 25.91
CA GLU A 50 -2.81 -42.98 25.91
C GLU A 50 -4.15 -42.83 26.64
N PRO A 51 -5.20 -43.49 26.14
CA PRO A 51 -6.51 -43.46 26.80
C PRO A 51 -6.41 -43.89 28.27
N LYS A 52 -7.18 -43.24 29.15
CA LYS A 52 -7.15 -43.56 30.56
C LYS A 52 -7.68 -44.98 30.74
N GLN A 53 -6.96 -45.78 31.52
N GLN A 53 -6.97 -45.79 31.49
CA GLN A 53 -7.40 -47.13 31.84
CA GLN A 53 -7.41 -47.16 31.76
C GLN A 53 -8.62 -47.07 32.78
C GLN A 53 -8.53 -47.16 32.80
N PRO A 54 -9.52 -48.05 32.66
CA PRO A 54 -10.68 -48.12 33.54
C PRO A 54 -10.30 -48.20 35.01
N TRP A 55 -11.15 -47.64 35.86
CA TRP A 55 -10.85 -47.61 37.29
C TRP A 55 -11.99 -48.27 38.08
N SER A 56 -11.67 -48.72 39.27
CA SER A 56 -12.72 -49.25 40.14
C SER A 56 -13.04 -48.14 41.13
N GLY A 57 -14.17 -48.23 41.78
CA GLY A 57 -14.57 -47.18 42.71
C GLY A 57 -15.09 -45.95 41.97
N VAL A 58 -15.21 -44.86 42.71
CA VAL A 58 -15.82 -43.65 42.17
C VAL A 58 -14.77 -42.54 42.13
N VAL A 59 -14.52 -42.00 40.94
CA VAL A 59 -13.66 -40.84 40.82
C VAL A 59 -14.41 -39.61 41.36
N ASP A 60 -13.75 -38.86 42.23
CA ASP A 60 -14.27 -37.61 42.76
C ASP A 60 -14.15 -36.54 41.67
N ALA A 61 -15.25 -36.18 41.04
CA ALA A 61 -15.19 -35.18 39.98
C ALA A 61 -15.81 -33.89 40.45
N THR A 62 -15.39 -33.40 41.61
CA THR A 62 -16.09 -32.25 42.21
C THR A 62 -15.22 -30.99 42.21
N THR A 63 -14.00 -31.09 41.68
CA THR A 63 -13.11 -29.95 41.68
C THR A 63 -12.16 -29.99 40.47
N PHE A 64 -11.71 -28.83 40.00
CA PHE A 64 -10.77 -28.82 38.88
C PHE A 64 -9.50 -29.56 39.23
N GLN A 65 -8.91 -30.19 38.23
CA GLN A 65 -7.63 -30.82 38.43
C GLN A 65 -6.49 -29.84 38.09
N SER A 66 -5.25 -30.32 38.15
CA SER A 66 -4.05 -29.53 37.99
C SER A 66 -3.95 -28.85 36.62
N VAL A 67 -3.22 -27.76 36.56
CA VAL A 67 -2.97 -27.05 35.31
C VAL A 67 -1.78 -27.70 34.62
N CYS A 68 -1.83 -27.88 33.30
CA CYS A 68 -0.69 -28.46 32.61
C CYS A 68 0.51 -27.56 32.83
N TYR A 69 1.64 -28.19 33.13
CA TYR A 69 2.86 -27.49 33.50
C TYR A 69 3.20 -26.43 32.45
N GLN A 70 3.39 -25.18 32.88
CA GLN A 70 3.54 -24.06 31.93
C GLN A 70 4.23 -22.86 32.57
N TYR A 71 4.69 -21.96 31.71
CA TYR A 71 5.21 -20.66 32.09
C TYR A 71 4.18 -19.84 32.82
N VAL A 72 4.61 -19.10 33.84
CA VAL A 72 3.72 -18.21 34.57
C VAL A 72 4.10 -16.76 34.29
N ASP A 73 3.14 -15.96 33.88
CA ASP A 73 3.45 -14.61 33.45
C ASP A 73 3.88 -13.75 34.64
N THR A 74 4.95 -12.97 34.46
CA THR A 74 5.50 -12.12 35.52
C THR A 74 5.59 -10.63 35.12
N LEU A 75 4.96 -10.24 34.02
CA LEU A 75 5.12 -8.87 33.53
C LEU A 75 4.63 -7.86 34.55
N TYR A 76 3.42 -8.10 35.09
CA TYR A 76 2.83 -7.25 36.10
C TYR A 76 2.28 -8.08 37.28
N PRO A 77 3.16 -8.45 38.22
CA PRO A 77 2.77 -9.35 39.33
C PRO A 77 1.59 -8.80 40.09
N GLY A 78 0.54 -9.62 40.27
CA GLY A 78 -0.63 -9.22 41.05
C GLY A 78 -1.64 -8.37 40.30
N PHE A 79 -1.33 -8.00 39.05
CA PHE A 79 -2.28 -7.21 38.25
C PHE A 79 -3.39 -8.10 37.68
N GLU A 80 -4.65 -7.69 37.84
CA GLU A 80 -5.79 -8.49 37.39
C GLU A 80 -5.75 -8.88 35.90
N GLY A 81 -5.34 -7.95 35.04
CA GLY A 81 -5.38 -8.19 33.60
C GLY A 81 -4.44 -9.28 33.12
N THR A 82 -3.35 -9.50 33.84
CA THR A 82 -2.48 -10.62 33.50
C THR A 82 -2.79 -11.84 34.38
N GLU A 83 -3.00 -11.62 35.67
CA GLU A 83 -3.25 -12.74 36.58
C GLU A 83 -4.48 -13.60 36.20
N MET A 84 -5.50 -12.97 35.62
CA MET A 84 -6.67 -13.70 35.21
C MET A 84 -6.37 -14.81 34.17
N TRP A 85 -5.19 -14.76 33.52
CA TRP A 85 -4.81 -15.79 32.55
C TRP A 85 -3.83 -16.79 33.13
N ASN A 86 -3.28 -16.50 34.30
CA ASN A 86 -2.27 -17.35 34.91
C ASN A 86 -2.90 -18.60 35.60
N PRO A 87 -2.09 -19.64 35.81
CA PRO A 87 -2.60 -20.88 36.40
C PRO A 87 -3.26 -20.59 37.73
N ASN A 88 -4.45 -21.14 37.95
CA ASN A 88 -5.13 -20.96 39.23
C ASN A 88 -5.34 -22.29 39.96
N ARG A 89 -4.59 -23.31 39.58
CA ARG A 89 -4.49 -24.56 40.36
C ARG A 89 -3.04 -24.92 40.25
N GLU A 90 -2.60 -25.89 41.04
CA GLU A 90 -1.20 -26.29 41.01
C GLU A 90 -0.80 -26.84 39.62
N LEU A 91 0.47 -26.65 39.28
CA LEU A 91 1.00 -27.11 38.01
C LEU A 91 1.38 -28.57 38.11
N SER A 92 1.15 -29.34 37.07
CA SER A 92 1.62 -30.73 37.08
C SER A 92 1.67 -31.22 35.64
N GLU A 93 2.54 -32.17 35.33
CA GLU A 93 2.43 -32.84 34.05
C GLU A 93 1.25 -33.83 34.07
N ASP A 94 0.80 -34.21 35.26
CA ASP A 94 -0.40 -35.03 35.39
C ASP A 94 -1.61 -34.09 35.29
N CYS A 95 -2.06 -33.79 34.07
CA CYS A 95 -3.01 -32.68 33.88
C CYS A 95 -4.07 -32.96 32.83
N LEU A 96 -4.07 -34.18 32.31
CA LEU A 96 -5.00 -34.51 31.22
C LEU A 96 -6.36 -34.91 31.78
N TYR A 97 -7.12 -33.89 32.16
CA TYR A 97 -8.44 -34.04 32.72
C TYR A 97 -9.38 -33.16 31.93
N LEU A 98 -10.66 -33.52 31.93
CA LEU A 98 -11.66 -32.68 31.26
C LEU A 98 -12.86 -32.41 32.17
N ASN A 99 -13.71 -31.47 31.78
CA ASN A 99 -14.84 -31.08 32.61
C ASN A 99 -16.11 -31.09 31.82
N VAL A 100 -17.21 -31.47 32.47
CA VAL A 100 -18.54 -31.43 31.84
C VAL A 100 -19.56 -30.69 32.71
N TRP A 101 -20.26 -29.73 32.11
CA TRP A 101 -21.34 -29.03 32.79
C TRP A 101 -22.59 -29.43 32.03
N THR A 102 -23.67 -29.73 32.76
N THR A 102 -23.69 -29.66 32.74
CA THR A 102 -24.96 -30.04 32.12
CA THR A 102 -24.93 -29.99 32.07
C THR A 102 -26.06 -29.39 32.95
C THR A 102 -26.07 -29.47 32.95
N PRO A 103 -27.25 -29.20 32.36
CA PRO A 103 -28.38 -28.68 33.16
C PRO A 103 -28.74 -29.61 34.34
N TYR A 104 -29.40 -29.06 35.36
CA TYR A 104 -29.89 -29.82 36.52
C TYR A 104 -31.43 -29.75 36.60
N PRO A 105 -32.10 -30.91 36.68
CA PRO A 105 -31.47 -32.23 36.66
C PRO A 105 -30.93 -32.55 35.25
N ARG A 106 -30.06 -33.57 35.14
CA ARG A 106 -29.46 -33.97 33.86
C ARG A 106 -30.51 -34.03 32.78
N PRO A 107 -30.18 -33.56 31.58
CA PRO A 107 -31.10 -33.67 30.45
C PRO A 107 -31.42 -35.14 30.23
N THR A 108 -32.65 -35.45 29.81
CA THR A 108 -33.02 -36.83 29.55
C THR A 108 -33.22 -37.04 28.06
N SER A 109 -33.08 -35.96 27.30
CA SER A 109 -33.05 -36.05 25.84
C SER A 109 -31.71 -35.44 25.34
N PRO A 110 -31.24 -35.86 24.16
CA PRO A 110 -29.92 -35.45 23.64
C PRO A 110 -29.81 -33.92 23.43
N THR A 111 -28.89 -33.32 24.17
CA THR A 111 -28.68 -31.88 24.18
C THR A 111 -27.41 -31.52 23.36
N PRO A 112 -27.45 -30.43 22.57
CA PRO A 112 -26.27 -29.96 21.83
C PRO A 112 -25.06 -29.72 22.72
N VAL A 113 -23.87 -30.07 22.24
CA VAL A 113 -22.66 -30.00 23.05
C VAL A 113 -21.73 -28.87 22.53
N LEU A 114 -21.31 -28.00 23.43
CA LEU A 114 -20.25 -27.04 23.11
C LEU A 114 -18.95 -27.54 23.72
N VAL A 115 -17.88 -27.57 22.94
CA VAL A 115 -16.61 -28.00 23.46
C VAL A 115 -15.59 -26.86 23.38
N TRP A 116 -15.09 -26.44 24.54
CA TRP A 116 -14.21 -25.26 24.63
C TRP A 116 -12.74 -25.65 24.61
N ILE A 117 -11.96 -25.00 23.76
CA ILE A 117 -10.54 -25.21 23.74
C ILE A 117 -9.86 -23.87 24.07
N TYR A 118 -9.20 -23.79 25.23
CA TYR A 118 -8.60 -22.52 25.65
C TYR A 118 -7.43 -22.10 24.74
N GLY A 119 -7.15 -20.80 24.71
CA GLY A 119 -5.96 -20.28 24.02
C GLY A 119 -4.85 -20.03 25.04
N GLY A 120 -3.87 -19.23 24.65
CA GLY A 120 -2.69 -19.02 25.47
C GLY A 120 -1.41 -19.33 24.69
N GLY A 121 -1.42 -19.09 23.36
CA GLY A 121 -0.22 -19.15 22.52
C GLY A 121 0.41 -20.54 22.43
N PHE A 122 -0.38 -21.57 22.77
CA PHE A 122 0.11 -22.94 22.88
C PHE A 122 1.15 -23.13 23.99
N TYR A 123 1.39 -22.11 24.81
CA TYR A 123 2.37 -22.27 25.92
C TYR A 123 1.74 -22.17 27.32
N SER A 124 0.45 -21.82 27.38
CA SER A 124 -0.25 -21.53 28.62
C SER A 124 -1.75 -21.79 28.49
N GLY A 125 -2.49 -21.64 29.61
CA GLY A 125 -3.92 -21.75 29.61
C GLY A 125 -4.36 -22.93 30.47
N ALA A 126 -5.64 -22.94 30.84
CA ALA A 126 -6.20 -24.02 31.69
C ALA A 126 -7.71 -23.98 31.58
N SER A 127 -8.35 -25.14 31.67
CA SER A 127 -9.81 -25.14 31.60
C SER A 127 -10.43 -24.63 32.92
N SER A 128 -9.60 -24.53 33.97
CA SER A 128 -10.09 -24.11 35.31
C SER A 128 -10.12 -22.59 35.50
N LEU A 129 -9.65 -21.83 34.52
CA LEU A 129 -9.65 -20.36 34.66
C LEU A 129 -11.07 -19.85 34.90
N ASP A 130 -11.23 -18.83 35.77
CA ASP A 130 -12.54 -18.34 36.15
C ASP A 130 -13.32 -17.83 34.94
N VAL A 131 -12.61 -17.26 33.98
CA VAL A 131 -13.30 -16.71 32.82
C VAL A 131 -13.91 -17.79 31.90
N TYR A 132 -13.53 -19.06 32.08
CA TYR A 132 -14.10 -20.17 31.28
C TYR A 132 -15.12 -20.98 32.08
N ASP A 133 -15.67 -20.39 33.13
CA ASP A 133 -16.66 -21.09 33.99
C ASP A 133 -17.89 -21.43 33.18
N GLY A 134 -18.16 -22.71 32.93
CA GLY A 134 -19.29 -23.03 32.06
C GLY A 134 -20.71 -22.94 32.65
N ARG A 135 -20.84 -22.62 33.93
CA ARG A 135 -22.16 -22.72 34.57
C ARG A 135 -23.26 -21.81 33.98
N PHE A 136 -22.89 -20.63 33.49
CA PHE A 136 -23.91 -19.67 33.02
C PHE A 136 -24.47 -20.02 31.64
N LEU A 137 -23.59 -20.46 30.75
CA LEU A 137 -23.96 -20.84 29.38
C LEU A 137 -24.89 -22.04 29.46
N VAL A 138 -24.51 -22.99 30.31
CA VAL A 138 -25.30 -24.20 30.45
C VAL A 138 -26.69 -23.91 31.03
N GLN A 139 -26.75 -23.11 32.10
CA GLN A 139 -28.06 -22.76 32.67
C GLN A 139 -28.92 -21.96 31.69
N ALA A 140 -28.34 -20.94 31.08
CA ALA A 140 -29.09 -20.01 30.23
C ALA A 140 -29.53 -20.62 28.92
N GLU A 141 -28.67 -21.46 28.34
CA GLU A 141 -28.91 -21.90 26.97
C GLU A 141 -29.12 -23.40 26.86
N ARG A 142 -28.95 -24.09 27.99
CA ARG A 142 -29.29 -25.51 28.08
C ARG A 142 -28.56 -26.38 27.08
N THR A 143 -27.25 -26.19 27.01
CA THR A 143 -26.40 -27.04 26.22
C THR A 143 -25.62 -27.87 27.22
N VAL A 144 -24.94 -28.89 26.73
CA VAL A 144 -23.89 -29.51 27.51
C VAL A 144 -22.58 -28.81 27.12
N LEU A 145 -21.74 -28.50 28.10
N LEU A 145 -21.73 -28.54 28.10
CA LEU A 145 -20.45 -27.84 27.79
CA LEU A 145 -20.46 -27.85 27.84
C LEU A 145 -19.34 -28.71 28.31
C LEU A 145 -19.32 -28.72 28.34
N VAL A 146 -18.33 -28.95 27.47
CA VAL A 146 -17.14 -29.72 27.83
C VAL A 146 -15.89 -28.86 27.60
N SER A 147 -14.91 -28.93 28.51
CA SER A 147 -13.63 -28.29 28.27
C SER A 147 -12.53 -29.23 28.76
N MET A 148 -11.38 -29.21 28.07
CA MET A 148 -10.28 -30.09 28.47
C MET A 148 -9.00 -29.30 28.69
N ASN A 149 -8.13 -29.85 29.53
CA ASN A 149 -6.75 -29.43 29.53
C ASN A 149 -5.98 -30.20 28.45
N TYR A 150 -5.01 -29.54 27.82
CA TYR A 150 -4.11 -30.20 26.89
C TYR A 150 -2.71 -29.66 27.17
N ARG A 151 -1.68 -30.47 26.88
CA ARG A 151 -0.31 -30.11 27.20
C ARG A 151 0.10 -28.94 26.35
N VAL A 152 0.94 -28.07 26.92
CA VAL A 152 1.37 -26.84 26.29
C VAL A 152 2.88 -26.68 26.37
N GLY A 153 3.43 -25.69 25.68
CA GLY A 153 4.86 -25.48 25.68
C GLY A 153 5.59 -26.67 25.11
N ALA A 154 6.79 -26.92 25.62
CA ALA A 154 7.57 -28.07 25.19
C ALA A 154 6.83 -29.39 25.40
N PHE A 155 6.07 -29.49 26.50
CA PHE A 155 5.43 -30.77 26.84
C PHE A 155 4.40 -31.15 25.78
N GLY A 156 3.74 -30.15 25.19
CA GLY A 156 2.72 -30.39 24.18
C GLY A 156 3.25 -30.30 22.75
N PHE A 157 4.35 -29.58 22.53
CA PHE A 157 4.71 -29.23 21.14
C PHE A 157 6.17 -29.33 20.74
N LEU A 158 7.04 -29.73 21.67
CA LEU A 158 8.42 -29.97 21.30
C LEU A 158 8.41 -31.06 20.25
N ALA A 159 9.14 -30.85 19.15
CA ALA A 159 9.18 -31.84 18.08
C ALA A 159 10.60 -32.07 17.54
N LEU A 160 11.01 -33.34 17.46
CA LEU A 160 12.12 -33.76 16.60
C LEU A 160 11.46 -34.54 15.44
N PRO A 161 11.10 -33.83 14.38
CA PRO A 161 10.25 -34.46 13.35
C PRO A 161 10.89 -35.72 12.77
N GLY A 162 10.09 -36.77 12.63
CA GLY A 162 10.59 -38.04 12.16
C GLY A 162 10.81 -38.99 13.32
N SER A 163 10.98 -38.46 14.53
CA SER A 163 11.32 -39.30 15.66
C SER A 163 10.08 -39.92 16.28
N ARG A 164 10.27 -41.08 16.87
CA ARG A 164 9.19 -41.72 17.59
C ARG A 164 9.10 -41.14 19.01
N GLU A 165 10.22 -40.62 19.52
CA GLU A 165 10.32 -40.20 20.93
C GLU A 165 9.69 -38.85 21.20
N ALA A 166 9.70 -38.00 20.18
CA ALA A 166 9.10 -36.67 20.28
C ALA A 166 8.56 -36.27 18.92
N PRO A 167 7.42 -36.85 18.51
CA PRO A 167 6.89 -36.62 17.16
C PRO A 167 6.30 -35.22 16.97
N GLY A 168 6.03 -34.50 18.04
CA GLY A 168 5.35 -33.20 17.91
C GLY A 168 3.83 -33.31 17.93
N ASN A 169 3.16 -32.17 18.11
CA ASN A 169 1.69 -32.09 18.07
C ASN A 169 0.94 -32.90 19.12
N VAL A 170 1.62 -33.36 20.16
CA VAL A 170 0.93 -34.18 21.15
C VAL A 170 -0.17 -33.41 21.93
N GLY A 171 -0.02 -32.09 22.06
CA GLY A 171 -1.09 -31.33 22.66
C GLY A 171 -2.36 -31.33 21.81
N LEU A 172 -2.19 -31.34 20.48
CA LEU A 172 -3.37 -31.43 19.59
C LEU A 172 -3.97 -32.84 19.68
N LEU A 173 -3.13 -33.85 19.88
CA LEU A 173 -3.65 -35.20 20.12
C LEU A 173 -4.37 -35.32 21.45
N ASP A 174 -3.92 -34.58 22.47
CA ASP A 174 -4.67 -34.55 23.74
C ASP A 174 -6.06 -34.02 23.48
N GLN A 175 -6.14 -32.93 22.72
CA GLN A 175 -7.45 -32.36 22.39
C GLN A 175 -8.31 -33.39 21.60
N ARG A 176 -7.69 -34.06 20.62
CA ARG A 176 -8.44 -35.05 19.81
C ARG A 176 -8.93 -36.20 20.68
N LEU A 177 -8.09 -36.66 21.60
CA LEU A 177 -8.45 -37.71 22.53
C LEU A 177 -9.65 -37.30 23.41
N ALA A 178 -9.65 -36.04 23.85
CA ALA A 178 -10.82 -35.51 24.57
C ALA A 178 -12.08 -35.50 23.70
N LEU A 179 -11.92 -35.17 22.41
CA LEU A 179 -13.06 -35.18 21.47
C LEU A 179 -13.61 -36.61 21.24
N GLN A 180 -12.71 -37.60 21.22
CA GLN A 180 -13.10 -39.00 21.15
C GLN A 180 -13.83 -39.41 22.41
N TRP A 181 -13.35 -38.92 23.56
CA TRP A 181 -13.98 -39.23 24.82
C TRP A 181 -15.40 -38.69 24.82
N VAL A 182 -15.55 -37.48 24.28
CA VAL A 182 -16.87 -36.88 24.15
C VAL A 182 -17.77 -37.76 23.26
N GLN A 183 -17.26 -38.22 22.13
CA GLN A 183 -18.04 -39.12 21.27
C GLN A 183 -18.52 -40.35 22.05
N GLU A 184 -17.63 -40.94 22.84
CA GLU A 184 -17.97 -42.16 23.57
C GLU A 184 -18.77 -41.97 24.85
N ASN A 185 -18.73 -40.79 25.48
CA ASN A 185 -19.29 -40.67 26.83
C ASN A 185 -20.29 -39.55 27.09
N VAL A 186 -20.41 -38.62 26.15
CA VAL A 186 -21.20 -37.42 26.46
C VAL A 186 -22.67 -37.74 26.63
N ALA A 187 -23.15 -38.78 25.94
CA ALA A 187 -24.55 -39.17 26.06
C ALA A 187 -24.89 -39.56 27.49
N ALA A 188 -23.92 -40.07 28.24
CA ALA A 188 -24.19 -40.42 29.65
C ALA A 188 -24.53 -39.18 30.51
N PHE A 189 -24.25 -37.99 29.99
CA PHE A 189 -24.52 -36.72 30.68
C PHE A 189 -25.72 -36.03 30.05
N GLY A 190 -26.27 -36.60 28.99
CA GLY A 190 -27.38 -35.96 28.31
C GLY A 190 -27.00 -35.26 27.02
N GLY A 191 -25.72 -35.29 26.66
CA GLY A 191 -25.26 -34.62 25.46
C GLY A 191 -25.49 -35.44 24.21
N ASP A 192 -25.68 -34.77 23.09
CA ASP A 192 -25.83 -35.42 21.80
C ASP A 192 -24.49 -35.46 21.06
N PRO A 193 -23.85 -36.64 20.95
CA PRO A 193 -22.55 -36.66 20.26
C PRO A 193 -22.62 -36.36 18.77
N THR A 194 -23.83 -36.30 18.20
CA THR A 194 -23.96 -35.96 16.78
C THR A 194 -24.07 -34.44 16.60
N SER A 195 -24.14 -33.68 17.69
CA SER A 195 -24.23 -32.23 17.56
C SER A 195 -23.18 -31.53 18.44
N VAL A 196 -21.92 -31.68 18.05
CA VAL A 196 -20.82 -31.12 18.83
C VAL A 196 -20.29 -29.91 18.08
N THR A 197 -20.27 -28.76 18.74
CA THR A 197 -19.69 -27.53 18.22
C THR A 197 -18.41 -27.21 18.99
N LEU A 198 -17.29 -27.13 18.28
CA LEU A 198 -16.03 -26.75 18.91
C LEU A 198 -15.96 -25.24 18.96
N PHE A 199 -15.51 -24.69 20.08
CA PHE A 199 -15.22 -23.26 20.12
C PHE A 199 -13.94 -23.00 20.92
N GLY A 200 -13.23 -21.93 20.56
CA GLY A 200 -11.92 -21.68 21.12
C GLY A 200 -11.49 -20.27 20.78
N GLU A 201 -10.57 -19.75 21.56
CA GLU A 201 -10.11 -18.40 21.34
C GLU A 201 -8.60 -18.43 21.20
N SER A 202 -8.07 -17.57 20.33
CA SER A 202 -6.63 -17.46 20.11
C SER A 202 -6.01 -18.81 19.68
N ALA A 203 -5.03 -19.33 20.43
CA ALA A 203 -4.48 -20.64 20.10
C ALA A 203 -5.57 -21.75 20.12
N GLY A 204 -6.58 -21.55 20.98
CA GLY A 204 -7.76 -22.40 21.00
C GLY A 204 -8.51 -22.36 19.67
N ALA A 205 -8.66 -21.16 19.11
CA ALA A 205 -9.25 -20.99 17.78
C ALA A 205 -8.34 -21.60 16.69
N ALA A 206 -7.03 -21.35 16.77
CA ALA A 206 -6.09 -22.02 15.85
C ALA A 206 -6.25 -23.55 15.94
N SER A 207 -6.43 -24.06 17.15
CA SER A 207 -6.62 -25.48 17.36
C SER A 207 -7.90 -25.94 16.68
N VAL A 208 -8.99 -25.23 16.90
CA VAL A 208 -10.26 -25.57 16.25
C VAL A 208 -10.05 -25.72 14.72
N GLY A 209 -9.38 -24.73 14.11
CA GLY A 209 -9.06 -24.77 12.70
C GLY A 209 -8.23 -25.98 12.30
N MET A 210 -7.28 -26.35 13.12
CA MET A 210 -6.47 -27.52 12.82
C MET A 210 -7.28 -28.82 12.85
N HIS A 211 -8.22 -28.93 13.80
CA HIS A 211 -9.08 -30.11 13.81
C HIS A 211 -9.97 -30.16 12.56
N LEU A 212 -10.41 -28.99 12.10
CA LEU A 212 -11.18 -28.89 10.87
C LEU A 212 -10.40 -29.42 9.69
N LEU A 213 -9.08 -29.26 9.73
CA LEU A 213 -8.25 -29.51 8.55
C LEU A 213 -7.53 -30.85 8.64
N SER A 214 -7.84 -31.61 9.69
CA SER A 214 -7.23 -32.93 9.92
C SER A 214 -8.33 -33.98 9.91
N PRO A 215 -8.38 -34.81 8.84
CA PRO A 215 -9.49 -35.77 8.70
C PRO A 215 -9.82 -36.61 9.93
N PRO A 216 -8.81 -37.13 10.65
CA PRO A 216 -9.24 -37.93 11.80
C PRO A 216 -9.93 -37.12 12.93
N SER A 217 -9.75 -35.80 12.97
CA SER A 217 -10.47 -34.95 13.95
C SER A 217 -11.85 -34.55 13.42
N ARG A 218 -11.93 -34.39 12.11
CA ARG A 218 -13.08 -33.79 11.48
C ARG A 218 -14.34 -34.63 11.72
N GLY A 219 -14.17 -35.92 11.91
CA GLY A 219 -15.30 -36.76 12.19
C GLY A 219 -15.79 -36.70 13.62
N LEU A 220 -15.17 -35.86 14.45
CA LEU A 220 -15.51 -35.83 15.87
C LEU A 220 -16.38 -34.65 16.29
N PHE A 221 -16.77 -33.83 15.33
CA PHE A 221 -17.58 -32.67 15.65
C PHE A 221 -18.26 -32.20 14.38
N HIS A 222 -19.19 -31.28 14.56
CA HIS A 222 -20.09 -30.89 13.51
C HIS A 222 -19.88 -29.46 13.09
N ARG A 223 -19.80 -28.54 14.05
CA ARG A 223 -19.64 -27.11 13.73
C ARG A 223 -18.44 -26.49 14.47
N ALA A 224 -18.02 -25.29 14.05
CA ALA A 224 -16.82 -24.69 14.62
C ALA A 224 -16.97 -23.18 14.85
N VAL A 225 -16.38 -22.70 15.93
CA VAL A 225 -16.32 -21.27 16.22
C VAL A 225 -14.86 -20.88 16.44
N LEU A 226 -14.35 -19.90 15.70
CA LEU A 226 -12.95 -19.48 15.87
C LEU A 226 -12.92 -18.02 16.30
N GLN A 227 -12.60 -17.78 17.57
CA GLN A 227 -12.59 -16.42 18.13
C GLN A 227 -11.15 -15.89 18.17
N SER A 228 -10.88 -14.81 17.43
CA SER A 228 -9.54 -14.18 17.42
C SER A 228 -8.39 -15.13 17.19
N GLY A 229 -8.50 -16.03 16.21
CA GLY A 229 -7.37 -16.89 15.93
C GLY A 229 -7.70 -17.76 14.75
N ALA A 230 -6.68 -18.31 14.10
CA ALA A 230 -6.86 -19.11 12.90
C ALA A 230 -5.65 -20.03 12.71
N PRO A 231 -5.86 -21.19 12.09
CA PRO A 231 -4.75 -22.14 11.98
C PRO A 231 -3.66 -21.64 11.03
N ASN A 232 -4.06 -20.76 10.09
CA ASN A 232 -3.14 -20.10 9.17
C ASN A 232 -2.44 -18.85 9.78
N GLY A 233 -2.69 -18.51 11.04
CA GLY A 233 -1.90 -17.44 11.68
C GLY A 233 -0.38 -17.68 11.59
N PRO A 234 0.43 -16.61 11.37
CA PRO A 234 1.90 -16.80 11.20
C PRO A 234 2.61 -17.34 12.48
N TRP A 235 1.93 -17.32 13.62
CA TRP A 235 2.51 -17.82 14.87
C TRP A 235 2.02 -19.23 15.17
N ALA A 236 1.03 -19.71 14.42
CA ALA A 236 0.26 -20.90 14.86
C ALA A 236 0.90 -22.23 14.46
N THR A 237 1.83 -22.18 13.51
CA THR A 237 2.56 -23.38 13.11
C THR A 237 4.02 -23.03 12.87
N VAL A 238 4.87 -24.06 12.84
CA VAL A 238 6.29 -23.90 12.57
C VAL A 238 6.67 -25.04 11.60
N GLY A 239 7.63 -24.80 10.71
CA GLY A 239 8.05 -25.85 9.80
C GLY A 239 8.93 -26.85 10.54
N MET A 240 9.13 -28.02 9.94
CA MET A 240 9.94 -29.10 10.51
C MET A 240 11.37 -28.71 10.91
N GLY A 241 12.05 -28.02 10.01
CA GLY A 241 13.43 -27.62 10.23
C GLY A 241 13.59 -26.72 11.44
N GLU A 242 12.71 -25.73 11.57
CA GLU A 242 12.78 -24.79 12.67
C GLU A 242 12.33 -25.45 14.01
N ALA A 243 11.38 -26.37 13.93
CA ALA A 243 10.97 -27.09 15.16
C ALA A 243 12.14 -27.93 15.67
N ARG A 244 12.83 -28.62 14.77
CA ARG A 244 14.03 -29.39 15.14
C ARG A 244 15.08 -28.45 15.73
N ARG A 245 15.31 -27.32 15.08
CA ARG A 245 16.27 -26.35 15.62
C ARG A 245 15.91 -25.91 17.05
N ARG A 246 14.65 -25.60 17.29
CA ARG A 246 14.23 -25.12 18.61
C ARG A 246 14.34 -26.21 19.69
N ALA A 247 13.94 -27.43 19.35
CA ALA A 247 14.00 -28.56 20.27
C ALA A 247 15.46 -28.84 20.66
N THR A 248 16.32 -28.80 19.66
CA THR A 248 17.74 -29.04 19.83
C THR A 248 18.38 -27.97 20.70
N GLN A 249 18.07 -26.72 20.42
N GLN A 249 18.05 -26.72 20.43
CA GLN A 249 18.53 -25.62 21.27
CA GLN A 249 18.52 -25.61 21.26
C GLN A 249 18.04 -25.73 22.72
C GLN A 249 18.02 -25.69 22.71
N LEU A 250 16.79 -26.15 22.90
CA LEU A 250 16.25 -26.30 24.27
C LEU A 250 17.09 -27.34 25.01
N ALA A 251 17.36 -28.47 24.33
CA ALA A 251 18.17 -29.53 24.91
C ALA A 251 19.54 -28.99 25.34
N HIS A 252 20.20 -28.26 24.46
N HIS A 252 20.18 -28.23 24.48
CA HIS A 252 21.48 -27.61 24.76
CA HIS A 252 21.49 -27.67 24.79
C HIS A 252 21.39 -26.73 26.00
C HIS A 252 21.45 -26.66 25.94
N LEU A 253 20.41 -25.83 26.02
CA LEU A 253 20.24 -24.88 27.12
C LEU A 253 20.06 -25.55 28.49
N VAL A 254 19.60 -26.80 28.50
CA VAL A 254 19.30 -27.48 29.79
C VAL A 254 20.33 -28.59 30.07
N GLY A 255 21.44 -28.52 29.34
CA GLY A 255 22.57 -29.40 29.58
C GLY A 255 22.45 -30.78 28.98
N CYS A 256 21.65 -30.91 27.92
CA CYS A 256 21.52 -32.17 27.21
C CYS A 256 22.22 -32.06 25.85
N PRO A 257 22.76 -33.18 25.34
CA PRO A 257 22.82 -34.50 25.98
C PRO A 257 23.99 -34.54 26.99
N PRO A 258 24.10 -35.62 27.80
CA PRO A 258 25.19 -35.64 28.79
C PRO A 258 26.57 -35.89 28.15
N ASN A 264 21.72 -37.58 18.03
CA ASN A 264 20.80 -38.72 18.03
C ASN A 264 19.51 -38.37 18.81
N ASP A 265 18.37 -38.52 18.15
CA ASP A 265 17.10 -38.06 18.68
C ASP A 265 16.74 -38.82 19.96
N THR A 266 16.91 -40.14 19.92
CA THR A 266 16.63 -40.99 21.09
C THR A 266 17.35 -40.51 22.34
N GLU A 267 18.63 -40.18 22.18
CA GLU A 267 19.46 -39.77 23.31
C GLU A 267 19.10 -38.38 23.80
N LEU A 268 18.80 -37.49 22.86
CA LEU A 268 18.42 -36.12 23.19
C LEU A 268 17.10 -36.15 23.98
N VAL A 269 16.12 -36.90 23.49
CA VAL A 269 14.84 -36.98 24.19
C VAL A 269 14.98 -37.66 25.56
N ALA A 270 15.73 -38.76 25.63
CA ALA A 270 15.95 -39.42 26.91
C ALA A 270 16.52 -38.42 27.91
N CYS A 271 17.44 -37.58 27.47
CA CYS A 271 18.02 -36.61 28.39
C CYS A 271 16.97 -35.57 28.84
N LEU A 272 16.19 -35.06 27.88
CA LEU A 272 15.11 -34.13 28.20
C LEU A 272 14.14 -34.71 29.22
N ARG A 273 13.88 -36.01 29.12
CA ARG A 273 12.93 -36.63 30.07
C ARG A 273 13.48 -36.71 31.50
N THR A 274 14.78 -36.54 31.70
CA THR A 274 15.33 -36.56 33.07
C THR A 274 15.19 -35.19 33.74
N ARG A 275 14.88 -34.16 32.96
CA ARG A 275 14.84 -32.81 33.52
C ARG A 275 13.51 -32.49 34.19
N PRO A 276 13.56 -31.83 35.36
CA PRO A 276 12.32 -31.40 36.00
C PRO A 276 11.55 -30.50 35.03
N ALA A 277 10.23 -30.57 35.06
CA ALA A 277 9.39 -29.80 34.17
C ALA A 277 9.74 -28.31 34.21
N GLN A 278 9.94 -27.78 35.41
CA GLN A 278 10.18 -26.36 35.55
C GLN A 278 11.47 -25.92 34.84
N VAL A 279 12.41 -26.85 34.72
CA VAL A 279 13.66 -26.53 34.03
C VAL A 279 13.41 -26.28 32.51
N LEU A 280 12.56 -27.08 31.88
CA LEU A 280 12.27 -26.85 30.47
C LEU A 280 11.53 -25.54 30.33
N VAL A 281 10.58 -25.30 31.23
CA VAL A 281 9.86 -24.03 31.21
C VAL A 281 10.78 -22.81 31.32
N ASN A 282 11.80 -22.89 32.17
CA ASN A 282 12.72 -21.76 32.42
C ASN A 282 13.52 -21.36 31.18
N HIS A 283 13.63 -22.22 30.18
CA HIS A 283 14.41 -21.89 28.98
C HIS A 283 13.62 -21.78 27.67
N GLU A 284 12.30 -22.00 27.75
CA GLU A 284 11.56 -22.23 26.52
C GLU A 284 11.44 -20.98 25.64
N TRP A 285 11.40 -19.79 26.26
CA TRP A 285 11.32 -18.57 25.48
C TRP A 285 12.62 -18.27 24.71
N HIS A 286 13.70 -18.87 25.16
CA HIS A 286 15.00 -18.48 24.68
C HIS A 286 15.39 -19.16 23.39
N VAL A 287 14.57 -20.10 22.92
CA VAL A 287 14.92 -20.75 21.64
C VAL A 287 14.29 -20.03 20.42
N LEU A 288 13.53 -18.97 20.67
CA LEU A 288 13.00 -18.17 19.57
C LEU A 288 14.18 -17.52 18.83
N PRO A 289 14.07 -17.35 17.51
CA PRO A 289 15.18 -16.81 16.72
C PRO A 289 15.45 -15.32 16.97
N GLN A 290 14.48 -14.57 17.47
CA GLN A 290 14.77 -13.18 17.78
C GLN A 290 13.83 -12.72 18.86
N GLU A 291 14.06 -11.51 19.36
CA GLU A 291 13.11 -10.93 20.30
C GLU A 291 11.90 -10.43 19.52
N SER A 292 10.70 -10.84 19.95
CA SER A 292 9.50 -10.60 19.17
C SER A 292 8.31 -10.48 20.10
N VAL A 293 7.17 -10.06 19.58
CA VAL A 293 5.92 -10.28 20.33
C VAL A 293 5.06 -11.21 19.48
N PHE A 294 4.11 -11.90 20.10
CA PHE A 294 3.17 -12.78 19.38
C PHE A 294 3.89 -13.92 18.64
N ARG A 295 4.97 -14.42 19.23
CA ARG A 295 5.64 -15.62 18.71
C ARG A 295 5.93 -16.53 19.88
N PHE A 296 5.74 -17.82 19.66
CA PHE A 296 5.82 -18.80 20.74
C PHE A 296 6.68 -19.93 20.26
N SER A 297 7.51 -20.48 21.14
CA SER A 297 8.57 -21.42 20.73
C SER A 297 8.03 -22.76 20.23
N PHE A 298 7.10 -23.33 20.99
CA PHE A 298 6.64 -24.67 20.74
C PHE A 298 5.18 -24.67 20.33
N VAL A 299 4.95 -24.80 19.02
CA VAL A 299 3.59 -24.71 18.44
C VAL A 299 3.37 -25.90 17.48
N PRO A 300 2.13 -26.07 16.98
CA PRO A 300 1.96 -27.18 16.02
C PRO A 300 2.97 -27.15 14.85
N VAL A 301 3.48 -28.32 14.51
CA VAL A 301 4.43 -28.48 13.40
C VAL A 301 3.73 -29.14 12.18
N VAL A 302 4.03 -28.62 11.00
CA VAL A 302 3.51 -29.18 9.77
C VAL A 302 4.51 -30.25 9.33
N ASP A 303 4.18 -31.50 9.59
CA ASP A 303 5.12 -32.55 9.30
C ASP A 303 4.48 -33.64 8.44
N GLY A 304 3.31 -33.36 7.86
CA GLY A 304 2.65 -34.33 7.01
C GLY A 304 1.71 -35.30 7.70
N ASP A 305 1.78 -35.35 9.03
CA ASP A 305 0.95 -36.30 9.77
C ASP A 305 -0.35 -35.61 10.21
N PHE A 306 -0.37 -34.95 11.38
CA PHE A 306 -1.60 -34.27 11.80
C PHE A 306 -2.10 -33.32 10.73
N LEU A 307 -1.19 -32.51 10.20
CA LEU A 307 -1.49 -31.63 9.07
C LEU A 307 -0.69 -32.13 7.88
N SER A 308 -1.38 -32.55 6.82
CA SER A 308 -0.73 -33.09 5.63
C SER A 308 -0.10 -32.00 4.77
N ASP A 309 -0.40 -30.74 5.06
CA ASP A 309 0.19 -29.60 4.38
C ASP A 309 0.03 -28.41 5.30
N THR A 310 0.53 -27.23 4.93
CA THR A 310 0.28 -26.02 5.71
C THR A 310 -1.23 -25.77 5.80
N PRO A 311 -1.70 -25.14 6.89
CA PRO A 311 -3.14 -24.84 6.94
C PRO A 311 -3.57 -23.99 5.74
N GLU A 312 -2.72 -23.06 5.34
N GLU A 312 -2.75 -23.05 5.30
CA GLU A 312 -2.97 -22.23 4.17
CA GLU A 312 -3.10 -22.24 4.14
C GLU A 312 -3.33 -23.06 2.93
C GLU A 312 -3.41 -23.12 2.92
N ALA A 313 -2.56 -24.10 2.67
CA ALA A 313 -2.78 -24.95 1.50
C ALA A 313 -4.03 -25.83 1.68
N LEU A 314 -4.20 -26.38 2.88
CA LEU A 314 -5.35 -27.21 3.16
C LEU A 314 -6.62 -26.40 2.99
N ILE A 315 -6.56 -25.14 3.39
CA ILE A 315 -7.73 -24.28 3.32
C ILE A 315 -8.08 -24.02 1.85
N ASN A 316 -7.07 -23.76 1.02
CA ASN A 316 -7.29 -23.56 -0.41
C ASN A 316 -7.81 -24.78 -1.16
N ALA A 317 -7.38 -25.96 -0.74
CA ALA A 317 -7.77 -27.20 -1.39
C ALA A 317 -9.11 -27.77 -0.95
N GLY A 318 -9.68 -27.27 0.15
CA GLY A 318 -10.82 -27.95 0.75
C GLY A 318 -12.16 -27.64 0.12
N ASP A 319 -13.05 -28.64 0.15
CA ASP A 319 -14.46 -28.43 -0.18
C ASP A 319 -15.14 -28.28 1.16
N PHE A 320 -15.70 -27.11 1.42
CA PHE A 320 -16.29 -26.93 2.75
C PHE A 320 -17.82 -26.87 2.74
N HIS A 321 -18.44 -27.44 1.71
CA HIS A 321 -19.88 -27.65 1.73
C HIS A 321 -20.23 -28.49 2.93
N GLY A 322 -21.29 -28.09 3.64
CA GLY A 322 -21.71 -28.81 4.82
C GLY A 322 -21.08 -28.31 6.12
N LEU A 323 -20.21 -27.29 6.04
CA LEU A 323 -19.63 -26.72 7.25
C LEU A 323 -20.32 -25.39 7.54
N GLN A 324 -20.67 -25.16 8.80
CA GLN A 324 -20.97 -23.80 9.25
C GLN A 324 -19.88 -23.39 10.26
N VAL A 325 -19.37 -22.17 10.12
N VAL A 325 -19.45 -22.14 10.18
CA VAL A 325 -18.40 -21.64 11.07
CA VAL A 325 -18.41 -21.67 11.08
C VAL A 325 -18.81 -20.25 11.51
C VAL A 325 -18.70 -20.24 11.48
N LEU A 326 -18.45 -19.92 12.75
CA LEU A 326 -18.65 -18.58 13.29
C LEU A 326 -17.24 -18.07 13.62
N VAL A 327 -16.84 -16.90 13.11
CA VAL A 327 -15.48 -16.40 13.36
C VAL A 327 -15.56 -14.93 13.67
N GLY A 328 -14.57 -14.41 14.39
CA GLY A 328 -14.56 -12.98 14.64
C GLY A 328 -13.31 -12.52 15.35
N VAL A 329 -13.27 -11.24 15.66
CA VAL A 329 -12.11 -10.63 16.28
C VAL A 329 -12.59 -9.59 17.24
N VAL A 330 -11.71 -9.14 18.13
CA VAL A 330 -12.03 -7.97 18.93
C VAL A 330 -11.58 -6.68 18.24
N LYS A 331 -12.05 -5.55 18.76
CA LYS A 331 -11.80 -4.26 18.10
C LYS A 331 -10.31 -3.93 18.08
N ASP A 332 -9.57 -4.32 19.10
CA ASP A 332 -8.13 -4.01 19.13
C ASP A 332 -7.22 -5.19 19.38
N GLU A 333 -7.03 -6.05 18.37
CA GLU A 333 -6.28 -7.31 18.54
C GLU A 333 -4.82 -7.13 18.94
N GLY A 334 -4.16 -6.07 18.47
CA GLY A 334 -2.72 -5.99 18.66
C GLY A 334 -2.25 -5.40 19.99
N SER A 335 -3.15 -4.69 20.67
CA SER A 335 -2.68 -3.79 21.75
C SER A 335 -2.05 -4.51 22.93
N TYR A 336 -2.67 -5.60 23.35
CA TYR A 336 -2.18 -6.42 24.46
C TYR A 336 -0.74 -6.91 24.26
N PHE A 337 -0.38 -7.28 23.04
CA PHE A 337 0.93 -7.85 22.79
C PHE A 337 2.07 -6.85 22.86
N LEU A 338 1.73 -5.58 22.63
CA LEU A 338 2.75 -4.53 22.53
C LEU A 338 3.53 -4.33 23.84
N VAL A 339 2.87 -4.53 24.99
CA VAL A 339 3.58 -4.35 26.26
C VAL A 339 4.57 -5.45 26.56
N TYR A 340 4.57 -6.50 25.74
CA TYR A 340 5.50 -7.61 25.93
C TYR A 340 6.79 -7.51 25.13
N GLY A 341 7.12 -6.31 24.66
CA GLY A 341 8.36 -6.18 23.91
C GLY A 341 8.51 -5.06 22.88
N ALA A 342 7.44 -4.41 22.45
CA ALA A 342 7.61 -3.28 21.54
C ALA A 342 8.22 -2.12 22.33
N PRO A 343 9.29 -1.50 21.80
CA PRO A 343 9.91 -0.37 22.53
C PRO A 343 8.95 0.78 22.77
N GLY A 344 8.98 1.29 24.01
CA GLY A 344 8.13 2.42 24.39
C GLY A 344 6.75 2.07 24.94
N PHE A 345 6.40 0.79 24.96
CA PHE A 345 5.03 0.45 25.38
C PHE A 345 4.94 0.03 26.85
N SER A 346 3.85 0.45 27.50
CA SER A 346 3.59 0.09 28.89
C SER A 346 2.11 0.21 29.15
N LYS A 347 1.56 -0.61 30.03
CA LYS A 347 0.17 -0.44 30.40
C LYS A 347 0.06 0.77 31.34
N ASP A 348 1.20 1.19 31.90
CA ASP A 348 1.19 2.22 32.94
C ASP A 348 1.45 3.65 32.45
N ASN A 349 1.53 3.85 31.14
CA ASN A 349 1.50 5.18 30.56
C ASN A 349 0.74 5.16 29.22
N GLU A 350 0.73 6.28 28.53
CA GLU A 350 -0.03 6.38 27.29
C GLU A 350 0.63 5.68 26.10
N SER A 351 1.88 5.26 26.28
CA SER A 351 2.66 4.62 25.23
C SER A 351 2.67 5.48 23.95
N LEU A 352 2.86 6.79 24.10
CA LEU A 352 2.97 7.71 22.96
C LEU A 352 4.36 7.61 22.37
N ILE A 353 4.53 6.67 21.46
CA ILE A 353 5.87 6.33 21.01
C ILE A 353 6.39 7.30 19.92
N SER A 354 7.68 7.27 19.68
CA SER A 354 8.27 8.09 18.62
C SER A 354 8.34 7.29 17.31
N ARG A 355 8.68 7.97 16.23
CA ARG A 355 8.87 7.30 14.96
C ARG A 355 9.97 6.23 15.02
N ALA A 356 11.09 6.54 15.66
CA ALA A 356 12.15 5.54 15.79
C ALA A 356 11.64 4.28 16.53
N GLU A 357 10.85 4.49 17.58
CA GLU A 357 10.30 3.38 18.34
C GLU A 357 9.33 2.59 17.45
N PHE A 358 8.54 3.31 16.68
CA PHE A 358 7.63 2.68 15.74
C PHE A 358 8.39 1.81 14.76
N LEU A 359 9.46 2.33 14.17
CA LEU A 359 10.23 1.55 13.20
C LEU A 359 10.91 0.33 13.84
N ALA A 360 11.44 0.49 15.04
CA ALA A 360 12.03 -0.63 15.74
C ALA A 360 10.93 -1.66 16.11
N GLY A 361 9.78 -1.16 16.50
CA GLY A 361 8.65 -1.99 16.86
C GLY A 361 8.11 -2.83 15.71
N VAL A 362 8.19 -2.31 14.49
CA VAL A 362 7.81 -3.09 13.32
C VAL A 362 8.65 -4.35 13.18
N ARG A 363 9.94 -4.30 13.52
CA ARG A 363 10.74 -5.52 13.42
C ARG A 363 10.45 -6.48 14.58
N VAL A 364 9.97 -5.95 15.70
CA VAL A 364 9.63 -6.82 16.83
C VAL A 364 8.30 -7.52 16.55
N GLY A 365 7.37 -6.76 15.97
CA GLY A 365 6.02 -7.24 15.74
C GLY A 365 5.82 -7.94 14.42
N VAL A 366 6.79 -7.81 13.51
CA VAL A 366 6.77 -8.57 12.26
C VAL A 366 8.11 -9.27 12.15
N PRO A 367 8.32 -10.28 13.00
CA PRO A 367 9.69 -10.79 13.15
C PRO A 367 10.11 -11.65 11.99
N GLN A 368 11.42 -11.76 11.79
CA GLN A 368 11.97 -12.73 10.85
C GLN A 368 11.47 -12.50 9.41
N VAL A 369 11.33 -11.25 9.00
CA VAL A 369 11.16 -10.98 7.57
C VAL A 369 12.30 -10.11 7.03
N SER A 370 12.44 -10.08 5.72
CA SER A 370 13.49 -9.27 5.10
C SER A 370 13.29 -7.79 5.37
N ASP A 371 14.38 -7.02 5.27
CA ASP A 371 14.28 -5.57 5.37
C ASP A 371 13.29 -5.02 4.34
N LEU A 372 13.26 -5.64 3.16
CA LEU A 372 12.32 -5.18 2.12
C LEU A 372 10.87 -5.36 2.60
N ALA A 373 10.57 -6.50 3.20
CA ALA A 373 9.22 -6.76 3.72
C ALA A 373 8.86 -5.75 4.79
N ALA A 374 9.82 -5.48 5.68
CA ALA A 374 9.56 -4.51 6.77
C ALA A 374 9.27 -3.10 6.21
N GLU A 375 9.98 -2.71 5.15
CA GLU A 375 9.77 -1.41 4.56
C GLU A 375 8.38 -1.33 3.97
N ALA A 376 7.95 -2.43 3.36
CA ALA A 376 6.58 -2.48 2.85
C ALA A 376 5.57 -2.29 3.97
N VAL A 377 5.83 -2.91 5.13
CA VAL A 377 4.90 -2.77 6.26
C VAL A 377 4.86 -1.29 6.69
N VAL A 378 6.04 -0.69 6.80
CA VAL A 378 6.14 0.73 7.18
C VAL A 378 5.42 1.65 6.20
N LEU A 379 5.57 1.37 4.91
CA LEU A 379 4.82 2.10 3.86
C LEU A 379 3.33 2.07 4.08
N HIS A 380 2.76 0.88 4.25
N HIS A 380 2.78 0.88 4.27
CA HIS A 380 1.31 0.75 4.38
CA HIS A 380 1.33 0.72 4.38
C HIS A 380 0.80 1.43 5.66
C HIS A 380 0.75 1.28 5.67
N TYR A 381 1.52 1.26 6.75
CA TYR A 381 1.01 1.68 8.06
C TYR A 381 1.45 3.08 8.49
N THR A 382 2.09 3.81 7.59
CA THR A 382 2.44 5.20 7.86
C THR A 382 1.41 6.08 7.21
N ASP A 383 0.93 7.07 7.95
CA ASP A 383 0.18 8.17 7.36
C ASP A 383 1.20 9.21 6.92
N TRP A 384 1.44 9.31 5.61
CA TRP A 384 2.54 10.15 5.13
C TRP A 384 2.28 11.67 5.25
N LEU A 385 1.08 12.04 5.63
CA LEU A 385 0.79 13.41 6.08
C LEU A 385 1.09 13.64 7.57
N HIS A 386 1.16 12.56 8.35
CA HIS A 386 1.50 12.68 9.77
C HIS A 386 2.47 11.59 10.17
N PRO A 387 3.67 11.60 9.60
CA PRO A 387 4.49 10.41 9.76
C PRO A 387 5.05 10.24 11.17
N GLU A 388 5.00 11.27 12.01
CA GLU A 388 5.70 11.22 13.29
C GLU A 388 4.80 11.47 14.49
N ASP A 389 3.49 11.44 14.28
CA ASP A 389 2.57 11.77 15.33
C ASP A 389 2.45 10.58 16.32
N PRO A 390 2.76 10.79 17.60
CA PRO A 390 2.87 9.61 18.48
C PRO A 390 1.57 8.82 18.69
N ALA A 391 0.41 9.46 18.84
CA ALA A 391 -0.82 8.71 19.00
C ALA A 391 -1.12 7.85 17.76
N ARG A 392 -0.88 8.39 16.56
CA ARG A 392 -1.14 7.63 15.35
C ARG A 392 -0.17 6.47 15.25
N LEU A 393 1.07 6.69 15.68
CA LEU A 393 2.10 5.65 15.62
C LEU A 393 1.74 4.50 16.55
N ARG A 394 1.21 4.85 17.71
CA ARG A 394 0.78 3.85 18.69
C ARG A 394 -0.33 2.98 18.09
N GLU A 395 -1.39 3.63 17.60
CA GLU A 395 -2.49 2.92 16.95
C GLU A 395 -2.02 2.10 15.75
N ALA A 396 -1.07 2.65 14.98
CA ALA A 396 -0.60 1.97 13.77
C ALA A 396 0.17 0.71 14.12
N LEU A 397 1.04 0.75 15.13
CA LEU A 397 1.77 -0.46 15.48
C LEU A 397 0.82 -1.54 16.08
N SER A 398 -0.22 -1.10 16.78
CA SER A 398 -1.24 -2.04 17.28
C SER A 398 -1.89 -2.74 16.08
N ASP A 399 -2.21 -1.95 15.05
CA ASP A 399 -2.81 -2.46 13.82
C ASP A 399 -1.88 -3.43 13.13
N VAL A 400 -0.61 -3.06 13.06
CA VAL A 400 0.36 -3.95 12.43
C VAL A 400 0.31 -5.36 13.09
N VAL A 401 0.45 -5.38 14.40
CA VAL A 401 0.56 -6.64 15.12
C VAL A 401 -0.76 -7.39 15.06
N GLY A 402 -1.87 -6.67 15.27
CA GLY A 402 -3.20 -7.28 15.25
C GLY A 402 -3.63 -7.79 13.87
N ASP A 403 -3.29 -7.04 12.81
CA ASP A 403 -3.68 -7.41 11.44
C ASP A 403 -2.88 -8.63 10.97
N HIS A 404 -1.57 -8.58 11.20
CA HIS A 404 -0.66 -9.62 10.74
C HIS A 404 -0.96 -10.98 11.44
N ASN A 405 -1.21 -10.92 12.74
CA ASN A 405 -1.35 -12.16 13.52
C ASN A 405 -2.78 -12.70 13.66
N VAL A 406 -3.77 -11.81 13.63
CA VAL A 406 -5.15 -12.20 13.91
C VAL A 406 -6.16 -11.82 12.82
N VAL A 407 -6.37 -10.51 12.58
CA VAL A 407 -7.44 -10.07 11.67
C VAL A 407 -7.29 -10.65 10.26
N CYS A 408 -6.11 -10.50 9.66
CA CYS A 408 -5.97 -10.95 8.27
C CYS A 408 -5.98 -12.46 8.10
N PRO A 409 -5.33 -13.21 9.02
CA PRO A 409 -5.52 -14.67 8.95
C PRO A 409 -7.00 -15.10 9.10
N VAL A 410 -7.74 -14.47 10.02
CA VAL A 410 -9.16 -14.78 10.20
C VAL A 410 -9.92 -14.43 8.91
N ALA A 411 -9.66 -13.24 8.36
CA ALA A 411 -10.30 -12.83 7.12
C ALA A 411 -10.02 -13.78 5.96
N GLN A 412 -8.80 -14.29 5.89
CA GLN A 412 -8.44 -15.18 4.80
C GLN A 412 -9.15 -16.54 4.97
N LEU A 413 -9.17 -17.03 6.20
N LEU A 413 -9.17 -17.04 6.20
CA LEU A 413 -9.91 -18.25 6.52
CA LEU A 413 -9.90 -18.25 6.50
C LEU A 413 -11.39 -18.09 6.14
C LEU A 413 -11.39 -18.09 6.14
N ALA A 414 -11.97 -16.97 6.56
CA ALA A 414 -13.39 -16.72 6.34
C ALA A 414 -13.72 -16.68 4.85
N GLY A 415 -12.94 -15.91 4.08
CA GLY A 415 -13.19 -15.74 2.67
C GLY A 415 -13.04 -17.03 1.89
N ARG A 416 -12.00 -17.78 2.20
CA ARG A 416 -11.74 -19.04 1.51
C ARG A 416 -12.78 -20.07 1.85
N LEU A 417 -13.11 -20.22 3.13
CA LEU A 417 -14.11 -21.20 3.51
C LEU A 417 -15.45 -20.91 2.83
N ALA A 418 -15.87 -19.65 2.86
CA ALA A 418 -17.16 -19.24 2.27
C ALA A 418 -17.17 -19.50 0.75
N ALA A 419 -16.03 -19.25 0.11
CA ALA A 419 -15.94 -19.40 -1.33
C ALA A 419 -15.95 -20.88 -1.68
N GLN A 420 -15.55 -21.70 -0.72
CA GLN A 420 -15.46 -23.14 -0.98
C GLN A 420 -16.55 -23.92 -0.32
N GLY A 421 -17.67 -23.24 -0.07
CA GLY A 421 -18.90 -23.92 0.30
C GLY A 421 -19.40 -23.77 1.73
N ALA A 422 -18.60 -23.23 2.65
CA ALA A 422 -19.03 -23.17 4.05
C ALA A 422 -20.03 -22.06 4.20
N ARG A 423 -20.90 -22.14 5.19
CA ARG A 423 -21.64 -20.95 5.59
C ARG A 423 -20.90 -20.31 6.78
N VAL A 424 -20.52 -19.04 6.63
CA VAL A 424 -19.66 -18.36 7.58
C VAL A 424 -20.38 -17.15 8.15
N TYR A 425 -20.26 -16.95 9.45
CA TYR A 425 -20.73 -15.72 10.08
C TYR A 425 -19.52 -15.04 10.72
N ALA A 426 -19.40 -13.73 10.55
CA ALA A 426 -18.27 -13.00 11.09
C ALA A 426 -18.71 -11.84 11.99
N TYR A 427 -17.90 -11.54 12.99
CA TYR A 427 -18.19 -10.42 13.88
C TYR A 427 -16.93 -9.67 14.24
N VAL A 428 -17.12 -8.43 14.68
N VAL A 428 -17.13 -8.44 14.71
CA VAL A 428 -16.11 -7.74 15.44
CA VAL A 428 -16.10 -7.72 15.42
C VAL A 428 -16.72 -7.37 16.78
C VAL A 428 -16.67 -7.29 16.76
N PHE A 429 -15.99 -7.65 17.84
CA PHE A 429 -16.48 -7.42 19.19
C PHE A 429 -15.96 -6.07 19.67
N GLU A 430 -16.88 -5.13 19.89
CA GLU A 430 -16.48 -3.73 20.12
C GLU A 430 -16.81 -3.17 21.48
N HIS A 431 -17.29 -4.01 22.40
CA HIS A 431 -17.58 -3.53 23.74
C HIS A 431 -16.39 -3.65 24.70
N ARG A 432 -15.96 -2.53 25.27
CA ARG A 432 -14.91 -2.59 26.27
C ARG A 432 -15.56 -2.77 27.65
N ALA A 433 -15.17 -3.82 28.39
CA ALA A 433 -15.86 -4.16 29.64
C ALA A 433 -15.71 -3.03 30.65
N SER A 434 -16.79 -2.72 31.37
CA SER A 434 -16.74 -1.71 32.44
C SER A 434 -15.70 -2.09 33.48
N THR A 435 -15.37 -3.36 33.55
CA THR A 435 -14.43 -3.85 34.55
C THR A 435 -13.01 -3.99 34.03
N LEU A 436 -12.74 -3.62 32.79
CA LEU A 436 -11.40 -3.86 32.25
C LEU A 436 -10.33 -3.14 33.06
N SER A 437 -9.25 -3.84 33.37
CA SER A 437 -8.20 -3.27 34.19
C SER A 437 -7.02 -2.72 33.38
N TRP A 438 -6.96 -3.07 32.10
CA TRP A 438 -5.95 -2.50 31.20
C TRP A 438 -6.31 -1.06 30.86
N PRO A 439 -5.31 -0.23 30.46
CA PRO A 439 -5.57 1.20 30.23
C PRO A 439 -6.45 1.45 29.01
N LEU A 440 -7.07 2.62 29.00
CA LEU A 440 -7.93 3.04 27.91
C LEU A 440 -7.27 2.95 26.53
N TRP A 441 -5.98 3.25 26.42
CA TRP A 441 -5.35 3.24 25.08
C TRP A 441 -5.41 1.87 24.40
N MET A 442 -5.53 0.80 25.17
CA MET A 442 -5.53 -0.55 24.60
C MET A 442 -6.88 -0.93 23.97
N GLY A 443 -7.92 -0.15 24.25
CA GLY A 443 -9.20 -0.35 23.61
C GLY A 443 -9.87 -1.65 24.09
N VAL A 444 -10.35 -2.45 23.14
CA VAL A 444 -10.92 -3.77 23.47
C VAL A 444 -9.87 -4.81 23.10
N PRO A 445 -9.09 -5.28 24.09
CA PRO A 445 -7.94 -6.10 23.75
C PRO A 445 -8.29 -7.57 23.58
N HIS A 446 -7.31 -8.29 23.02
CA HIS A 446 -7.34 -9.71 22.78
C HIS A 446 -7.78 -10.45 24.03
N GLY A 447 -8.79 -11.30 23.89
CA GLY A 447 -9.25 -12.13 25.00
C GLY A 447 -10.46 -11.57 25.76
N TYR A 448 -10.82 -10.33 25.48
CA TYR A 448 -11.80 -9.66 26.35
C TYR A 448 -13.23 -9.75 25.86
N GLU A 449 -13.49 -10.58 24.86
CA GLU A 449 -14.87 -10.96 24.58
C GLU A 449 -15.27 -12.23 25.35
N ILE A 450 -14.27 -12.98 25.82
CA ILE A 450 -14.56 -14.31 26.34
C ILE A 450 -15.53 -14.29 27.54
N GLU A 451 -15.29 -13.38 28.48
CA GLU A 451 -16.11 -13.30 29.69
C GLU A 451 -17.56 -13.00 29.34
N PHE A 452 -17.80 -12.32 28.21
CA PHE A 452 -19.17 -12.09 27.75
C PHE A 452 -19.84 -13.30 27.12
N ILE A 453 -19.07 -14.05 26.33
CA ILE A 453 -19.60 -15.28 25.72
C ILE A 453 -19.94 -16.31 26.81
N PHE A 454 -19.10 -16.39 27.84
CA PHE A 454 -19.36 -17.31 28.95
C PHE A 454 -20.37 -16.78 29.99
N GLY A 455 -20.88 -15.57 29.79
CA GLY A 455 -21.93 -15.03 30.65
C GLY A 455 -21.46 -14.65 32.03
N ILE A 456 -20.15 -14.47 32.17
CA ILE A 456 -19.56 -14.05 33.44
C ILE A 456 -20.25 -12.78 34.05
N PRO A 457 -20.72 -11.82 33.22
CA PRO A 457 -21.40 -10.69 33.86
C PRO A 457 -22.63 -11.05 34.70
N LEU A 458 -23.22 -12.24 34.49
CA LEU A 458 -24.38 -12.64 35.28
C LEU A 458 -24.04 -12.96 36.73
N ASP A 459 -22.76 -13.15 37.02
CA ASP A 459 -22.30 -13.45 38.37
C ASP A 459 -22.43 -12.19 39.23
N PRO A 460 -23.37 -12.22 40.19
CA PRO A 460 -23.69 -11.03 41.00
C PRO A 460 -22.46 -10.49 41.76
N SER A 461 -21.60 -11.40 42.22
CA SER A 461 -20.39 -11.03 42.95
C SER A 461 -19.40 -10.23 42.10
N ARG A 462 -19.61 -10.18 40.80
CA ARG A 462 -18.76 -9.32 39.98
C ARG A 462 -19.49 -8.01 39.72
N ASN A 463 -18.81 -7.09 39.05
CA ASN A 463 -19.26 -5.71 39.06
C ASN A 463 -19.80 -5.20 37.74
N TYR A 464 -20.26 -6.08 36.86
CA TYR A 464 -20.71 -5.63 35.55
C TYR A 464 -22.02 -4.86 35.68
N THR A 465 -22.31 -4.01 34.71
CA THR A 465 -23.56 -3.27 34.71
C THR A 465 -24.74 -4.11 34.24
N ALA A 466 -25.93 -3.58 34.47
CA ALA A 466 -27.13 -4.28 34.06
C ALA A 466 -27.16 -4.41 32.54
N GLU A 467 -26.66 -3.40 31.82
CA GLU A 467 -26.61 -3.44 30.37
C GLU A 467 -25.68 -4.56 29.89
N GLU A 468 -24.56 -4.70 30.58
CA GLU A 468 -23.60 -5.74 30.28
C GLU A 468 -24.17 -7.13 30.47
N LYS A 469 -25.07 -7.31 31.46
CA LYS A 469 -25.72 -8.61 31.65
C LYS A 469 -26.64 -8.95 30.49
N ILE A 470 -27.40 -7.96 30.02
CA ILE A 470 -28.27 -8.17 28.86
C ILE A 470 -27.45 -8.48 27.60
N PHE A 471 -26.33 -7.80 27.46
CA PHE A 471 -25.44 -7.99 26.31
C PHE A 471 -24.86 -9.42 26.34
N ALA A 472 -24.39 -9.86 27.51
CA ALA A 472 -23.90 -11.23 27.69
C ALA A 472 -24.99 -12.25 27.35
N GLN A 473 -26.24 -11.96 27.72
CA GLN A 473 -27.32 -12.88 27.40
C GLN A 473 -27.56 -12.96 25.91
N ARG A 474 -27.49 -11.81 25.24
CA ARG A 474 -27.58 -11.78 23.78
C ARG A 474 -26.50 -12.65 23.11
N LEU A 475 -25.26 -12.48 23.56
CA LEU A 475 -24.13 -13.21 22.97
C LEU A 475 -24.24 -14.72 23.23
N MET A 476 -24.63 -15.10 24.44
CA MET A 476 -24.78 -16.50 24.73
C MET A 476 -25.83 -17.11 23.81
N ARG A 477 -26.88 -16.35 23.52
CA ARG A 477 -27.96 -16.81 22.64
C ARG A 477 -27.48 -16.96 21.19
N TYR A 478 -26.69 -16.00 20.70
CA TYR A 478 -26.11 -16.13 19.34
C TYR A 478 -25.27 -17.39 19.25
N TRP A 479 -24.38 -17.60 20.24
CA TRP A 479 -23.47 -18.74 20.25
C TRP A 479 -24.24 -20.06 20.32
N ALA A 480 -25.23 -20.13 21.21
CA ALA A 480 -25.98 -21.36 21.34
C ALA A 480 -26.94 -21.59 20.14
N ASN A 481 -27.52 -20.51 19.59
CA ASN A 481 -28.30 -20.65 18.36
C ASN A 481 -27.43 -21.25 17.27
N PHE A 482 -26.19 -20.75 17.19
CA PHE A 482 -25.27 -21.24 16.19
C PHE A 482 -24.97 -22.72 16.43
N ALA A 483 -24.73 -23.10 17.69
CA ALA A 483 -24.41 -24.50 17.97
C ALA A 483 -25.62 -25.43 17.65
N ARG A 484 -26.82 -24.92 17.90
CA ARG A 484 -28.05 -25.73 17.68
C ARG A 484 -28.41 -25.88 16.20
N THR A 485 -28.21 -24.82 15.42
CA THR A 485 -28.73 -24.74 14.04
C THR A 485 -27.74 -24.35 12.93
N GLY A 486 -26.51 -23.94 13.26
CA GLY A 486 -25.60 -23.43 12.21
C GLY A 486 -25.90 -22.00 11.84
N ASP A 487 -26.74 -21.33 12.64
CA ASP A 487 -27.15 -19.96 12.33
C ASP A 487 -27.36 -19.20 13.64
N PRO A 488 -26.61 -18.10 13.89
CA PRO A 488 -26.75 -17.45 15.19
C PRO A 488 -28.06 -16.66 15.32
N ASN A 489 -28.72 -16.42 14.20
CA ASN A 489 -29.89 -15.53 14.26
C ASN A 489 -31.07 -15.98 15.11
N GLU A 490 -31.60 -15.01 15.86
CA GLU A 490 -32.91 -15.10 16.49
C GLU A 490 -33.95 -14.78 15.42
N PRO A 491 -35.24 -15.15 15.65
CA PRO A 491 -36.34 -14.85 14.74
C PRO A 491 -36.45 -13.38 14.31
N ARG A 492 -36.83 -13.16 13.05
CA ARG A 492 -36.86 -11.83 12.46
C ARG A 492 -37.61 -10.81 13.31
N ASP A 493 -37.03 -9.63 13.44
CA ASP A 493 -37.57 -8.58 14.32
C ASP A 493 -37.00 -7.21 13.98
N ALA A 496 -33.74 -8.39 15.52
CA ALA A 496 -33.08 -8.03 14.27
C ALA A 496 -32.44 -6.60 14.35
N PRO A 497 -31.74 -6.12 13.29
CA PRO A 497 -31.41 -6.68 11.96
C PRO A 497 -30.83 -8.09 12.04
N GLN A 498 -30.87 -8.78 10.92
CA GLN A 498 -30.36 -10.13 10.90
C GLN A 498 -28.85 -10.07 10.73
N TRP A 499 -28.18 -11.13 11.14
CA TRP A 499 -26.75 -11.29 10.96
C TRP A 499 -26.55 -12.04 9.63
N PRO A 500 -26.08 -11.35 8.59
CA PRO A 500 -25.96 -12.07 7.31
C PRO A 500 -24.67 -12.88 7.26
N PRO A 501 -24.64 -13.94 6.45
CA PRO A 501 -23.40 -14.69 6.26
C PRO A 501 -22.29 -13.86 5.60
N TYR A 502 -21.05 -14.12 6.03
CA TYR A 502 -19.88 -13.54 5.39
C TYR A 502 -19.65 -14.24 4.06
N THR A 503 -19.29 -13.48 3.04
CA THR A 503 -18.95 -14.07 1.74
C THR A 503 -17.72 -13.34 1.20
N ALA A 504 -16.97 -14.00 0.32
CA ALA A 504 -15.72 -13.42 -0.21
C ALA A 504 -15.95 -12.11 -0.96
N GLY A 505 -17.13 -11.96 -1.56
CA GLY A 505 -17.44 -10.73 -2.27
C GLY A 505 -17.94 -9.60 -1.41
N ALA A 506 -19.13 -9.76 -0.85
CA ALA A 506 -19.76 -8.71 -0.05
C ALA A 506 -19.05 -8.50 1.30
N GLN A 507 -18.44 -9.56 1.85
CA GLN A 507 -17.60 -9.43 3.06
C GLN A 507 -18.32 -8.84 4.28
N GLN A 508 -19.57 -9.26 4.48
CA GLN A 508 -20.34 -8.64 5.56
C GLN A 508 -20.08 -9.30 6.90
N TYR A 509 -19.99 -8.46 7.94
CA TYR A 509 -19.87 -8.94 9.30
C TYR A 509 -20.69 -8.04 10.19
N VAL A 510 -20.86 -8.40 11.46
CA VAL A 510 -21.61 -7.53 12.37
C VAL A 510 -20.76 -7.01 13.51
N SER A 511 -21.14 -5.84 14.02
N SER A 511 -21.12 -5.83 14.00
CA SER A 511 -20.54 -5.29 15.22
CA SER A 511 -20.51 -5.33 15.23
C SER A 511 -21.29 -5.81 16.46
C SER A 511 -21.30 -5.88 16.42
N LEU A 512 -20.59 -6.45 17.39
CA LEU A 512 -21.20 -6.87 18.66
C LEU A 512 -20.83 -5.84 19.71
N ASP A 513 -21.85 -5.15 20.22
CA ASP A 513 -21.65 -4.07 21.18
C ASP A 513 -22.98 -3.92 21.92
N LEU A 514 -23.07 -2.96 22.84
CA LEU A 514 -24.31 -2.80 23.60
C LEU A 514 -25.52 -2.49 22.71
N ARG A 515 -25.28 -1.72 21.64
CA ARG A 515 -26.26 -1.40 20.59
C ARG A 515 -26.66 -2.63 19.77
N PRO A 516 -27.81 -2.57 19.09
CA PRO A 516 -28.22 -3.65 18.19
C PRO A 516 -27.19 -3.88 17.07
N LEU A 517 -27.18 -5.10 16.53
CA LEU A 517 -26.27 -5.47 15.47
C LEU A 517 -26.24 -4.42 14.39
N GLU A 518 -25.04 -4.07 13.95
CA GLU A 518 -24.85 -3.23 12.77
C GLU A 518 -24.05 -4.02 11.73
N VAL A 519 -24.53 -4.07 10.49
CA VAL A 519 -23.83 -4.77 9.42
C VAL A 519 -22.81 -3.87 8.73
N ARG A 520 -21.59 -4.36 8.58
CA ARG A 520 -20.52 -3.64 7.89
C ARG A 520 -19.88 -4.56 6.88
N ARG A 521 -19.03 -3.99 6.02
CA ARG A 521 -18.38 -4.73 4.94
C ARG A 521 -16.86 -4.64 5.06
N GLY A 522 -16.18 -5.76 4.90
CA GLY A 522 -14.73 -5.74 4.88
C GLY A 522 -14.05 -5.86 6.22
N LEU A 523 -13.38 -6.98 6.44
CA LEU A 523 -12.54 -7.14 7.63
C LEU A 523 -11.16 -6.54 7.33
N ARG A 524 -11.04 -5.22 7.52
CA ARG A 524 -9.85 -4.46 7.16
C ARG A 524 -9.33 -4.87 5.77
N ALA A 525 -10.21 -4.73 4.78
CA ALA A 525 -9.91 -5.28 3.46
C ALA A 525 -8.64 -4.72 2.81
N GLN A 526 -8.37 -3.43 2.96
CA GLN A 526 -7.19 -2.87 2.32
C GLN A 526 -5.94 -3.41 2.99
N ALA A 527 -5.94 -3.42 4.32
CA ALA A 527 -4.77 -3.96 5.03
C ALA A 527 -4.61 -5.45 4.79
N CYS A 528 -5.72 -6.19 4.82
CA CYS A 528 -5.61 -7.62 4.61
C CYS A 528 -5.23 -8.05 3.17
N ALA A 529 -5.55 -7.22 2.18
CA ALA A 529 -5.01 -7.47 0.82
C ALA A 529 -3.49 -7.44 0.86
N PHE A 530 -2.94 -6.50 1.62
CA PHE A 530 -1.48 -6.43 1.76
C PHE A 530 -0.95 -7.73 2.36
N TRP A 531 -1.49 -8.12 3.54
CA TRP A 531 -0.93 -9.28 4.22
C TRP A 531 -1.25 -10.59 3.51
N ASN A 532 -2.45 -10.68 2.94
CA ASN A 532 -2.90 -11.96 2.39
C ASN A 532 -2.54 -12.16 0.94
N ARG A 533 -2.47 -11.08 0.18
CA ARG A 533 -2.30 -11.21 -1.27
C ARG A 533 -0.91 -10.79 -1.69
N PHE A 534 -0.43 -9.65 -1.22
CA PHE A 534 0.83 -9.15 -1.76
C PHE A 534 2.09 -9.64 -1.03
N LEU A 535 2.13 -9.43 0.28
CA LEU A 535 3.31 -9.78 1.06
C LEU A 535 3.85 -11.21 0.85
N PRO A 536 2.98 -12.22 0.70
CA PRO A 536 3.59 -13.52 0.40
C PRO A 536 4.37 -13.53 -0.93
N LYS A 537 3.87 -12.82 -1.94
CA LYS A 537 4.57 -12.76 -3.24
C LYS A 537 5.93 -12.12 -3.08
N LEU A 538 5.98 -11.12 -2.21
CA LEU A 538 7.22 -10.43 -1.95
C LEU A 538 8.18 -11.37 -1.24
N LEU A 539 7.72 -11.99 -0.16
CA LEU A 539 8.55 -12.95 0.58
C LEU A 539 9.08 -14.09 -0.32
N SER A 540 8.29 -14.51 -1.32
CA SER A 540 8.65 -15.59 -2.24
C SER A 540 9.70 -15.22 -3.29
N ALA A 541 9.93 -13.92 -3.50
CA ALA A 541 10.88 -13.46 -4.51
C ALA A 541 11.90 -12.46 -3.96
N GLU B 3 9.84 53.44 -42.19
CA GLU B 3 10.22 52.45 -41.18
C GLU B 3 9.87 52.88 -39.75
N ASP B 4 9.48 51.91 -38.90
CA ASP B 4 9.10 52.17 -37.50
C ASP B 4 10.19 51.68 -36.55
N ALA B 5 10.77 52.63 -35.82
CA ALA B 5 11.95 52.37 -35.01
C ALA B 5 11.69 51.35 -33.91
N GLU B 6 10.43 51.22 -33.51
CA GLU B 6 10.05 50.27 -32.46
C GLU B 6 10.22 48.83 -32.96
N LEU B 7 10.12 48.66 -34.28
CA LEU B 7 10.12 47.32 -34.86
C LEU B 7 11.47 46.92 -35.43
N LEU B 8 12.49 47.69 -35.09
CA LEU B 8 13.84 47.47 -35.55
C LEU B 8 14.73 47.31 -34.34
N VAL B 9 15.52 46.23 -34.32
CA VAL B 9 16.40 45.94 -33.18
C VAL B 9 17.67 45.38 -33.76
N THR B 10 18.80 45.70 -33.14
CA THR B 10 20.06 45.10 -33.51
C THR B 10 20.49 44.13 -32.43
N VAL B 11 20.80 42.91 -32.83
CA VAL B 11 21.27 41.90 -31.87
C VAL B 11 22.67 41.59 -32.30
N ARG B 12 23.38 40.72 -31.58
CA ARG B 12 24.77 40.48 -31.94
C ARG B 12 25.01 40.00 -33.38
N GLY B 13 24.10 39.21 -33.92
CA GLY B 13 24.29 38.68 -35.27
C GLY B 13 24.01 39.67 -36.40
N GLY B 14 23.25 40.72 -36.09
CA GLY B 14 22.83 41.64 -37.12
C GLY B 14 21.51 42.30 -36.80
N ARG B 15 20.89 42.87 -37.82
CA ARG B 15 19.69 43.66 -37.61
C ARG B 15 18.45 42.84 -37.88
N LEU B 16 17.38 43.14 -37.14
CA LEU B 16 16.08 42.48 -37.25
C LEU B 16 14.98 43.50 -37.45
N ARG B 17 13.95 43.07 -38.13
CA ARG B 17 12.73 43.82 -38.27
C ARG B 17 11.60 42.94 -37.74
N GLY B 18 10.73 43.49 -36.90
CA GLY B 18 9.64 42.71 -36.32
C GLY B 18 8.29 43.24 -36.73
N ILE B 19 7.26 42.88 -36.01
CA ILE B 19 5.91 43.34 -36.34
C ILE B 19 5.19 43.85 -35.12
N ARG B 20 4.25 44.76 -35.35
CA ARG B 20 3.38 45.24 -34.28
C ARG B 20 2.12 44.39 -34.24
N LEU B 21 1.86 43.72 -33.12
CA LEU B 21 0.67 42.89 -33.02
C LEU B 21 -0.44 43.58 -32.25
N LYS B 22 -1.67 43.38 -32.70
CA LYS B 22 -2.81 43.87 -31.95
C LYS B 22 -3.18 42.84 -30.90
N THR B 23 -3.50 43.28 -29.70
CA THR B 23 -4.08 42.40 -28.69
C THR B 23 -5.35 43.07 -28.15
N PRO B 24 -6.28 42.28 -27.59
CA PRO B 24 -7.53 42.88 -27.10
C PRO B 24 -7.27 44.00 -26.08
N GLY B 25 -6.16 43.92 -25.36
CA GLY B 25 -5.81 44.97 -24.42
C GLY B 25 -4.88 46.06 -24.95
N GLY B 26 -4.47 46.02 -26.21
CA GLY B 26 -3.48 46.98 -26.69
C GLY B 26 -2.29 46.36 -27.46
N PRO B 27 -1.42 47.20 -28.05
CA PRO B 27 -0.36 46.72 -28.95
C PRO B 27 0.89 46.13 -28.29
N VAL B 28 1.50 45.16 -28.96
N VAL B 28 1.49 45.15 -28.96
CA VAL B 28 2.71 44.51 -28.51
CA VAL B 28 2.72 44.52 -28.52
C VAL B 28 3.69 44.39 -29.70
C VAL B 28 3.68 44.43 -29.71
N SER B 29 4.99 44.42 -29.44
CA SER B 29 5.97 44.18 -30.50
C SER B 29 6.38 42.70 -30.51
N ALA B 30 6.48 42.12 -31.69
CA ALA B 30 6.84 40.71 -31.83
C ALA B 30 7.94 40.53 -32.86
N PHE B 31 8.93 39.73 -32.50
CA PHE B 31 10.00 39.37 -33.41
C PHE B 31 9.97 37.86 -33.48
N LEU B 32 9.29 37.35 -34.51
CA LEU B 32 9.02 35.93 -34.66
C LEU B 32 9.96 35.32 -35.67
N GLY B 33 10.50 34.16 -35.37
CA GLY B 33 11.41 33.51 -36.31
C GLY B 33 12.82 34.07 -36.43
N ILE B 34 13.42 34.42 -35.29
CA ILE B 34 14.81 34.84 -35.26
C ILE B 34 15.75 33.62 -35.29
N PRO B 35 16.66 33.56 -36.28
CA PRO B 35 17.55 32.38 -36.36
C PRO B 35 18.53 32.42 -35.18
N PHE B 36 18.69 31.32 -34.44
CA PHE B 36 19.70 31.36 -33.36
C PHE B 36 20.80 30.33 -33.51
N ALA B 37 20.64 29.44 -34.48
CA ALA B 37 21.70 28.49 -34.79
C ALA B 37 21.78 28.34 -36.31
N GLU B 38 22.86 27.73 -36.79
CA GLU B 38 22.92 27.30 -38.18
C GLU B 38 21.96 26.15 -38.31
N PRO B 39 21.26 26.07 -39.45
CA PRO B 39 20.32 24.99 -39.71
C PRO B 39 20.95 23.61 -39.50
N PRO B 40 20.35 22.80 -38.63
CA PRO B 40 20.98 21.52 -38.28
C PRO B 40 20.58 20.43 -39.28
N MET B 41 20.99 20.59 -40.53
CA MET B 41 20.58 19.62 -41.53
C MET B 41 21.77 19.13 -42.34
N GLY B 42 21.52 18.18 -43.23
CA GLY B 42 22.62 17.61 -44.01
C GLY B 42 23.63 16.99 -43.07
N PRO B 43 24.88 17.45 -43.14
CA PRO B 43 25.94 16.92 -42.27
C PRO B 43 25.80 17.35 -40.80
N ARG B 44 24.95 18.35 -40.52
CA ARG B 44 24.78 18.83 -39.14
C ARG B 44 23.65 18.12 -38.40
N ARG B 45 22.97 17.21 -39.08
CA ARG B 45 21.95 16.39 -38.43
C ARG B 45 22.60 15.57 -37.29
N PHE B 46 21.97 15.57 -36.11
CA PHE B 46 22.44 14.83 -34.90
C PHE B 46 23.53 15.53 -34.12
N LEU B 47 24.07 16.61 -34.67
CA LEU B 47 25.18 17.33 -34.05
C LEU B 47 24.70 18.46 -33.17
N PRO B 48 25.52 18.85 -32.19
CA PRO B 48 25.20 20.02 -31.38
C PRO B 48 24.97 21.21 -32.28
N PRO B 49 24.13 22.15 -31.85
CA PRO B 49 23.86 23.33 -32.70
C PRO B 49 25.09 24.23 -32.78
N GLU B 50 25.34 24.85 -33.93
CA GLU B 50 26.39 25.87 -34.03
C GLU B 50 25.70 27.21 -33.97
N PRO B 51 26.29 28.18 -33.27
CA PRO B 51 25.69 29.51 -33.24
C PRO B 51 25.50 30.07 -34.65
N LYS B 52 24.43 30.85 -34.81
CA LYS B 52 24.12 31.45 -36.10
C LYS B 52 25.22 32.46 -36.52
N GLN B 53 25.73 32.33 -37.73
CA GLN B 53 26.71 33.29 -38.23
C GLN B 53 26.08 34.67 -38.44
N PRO B 54 26.84 35.73 -38.16
CA PRO B 54 26.30 37.09 -38.33
C PRO B 54 25.89 37.33 -39.78
N TRP B 55 24.94 38.23 -39.99
CA TRP B 55 24.45 38.52 -41.34
C TRP B 55 24.50 40.02 -41.57
N SER B 56 24.59 40.42 -42.83
CA SER B 56 24.51 41.82 -43.17
C SER B 56 23.07 42.07 -43.55
N GLY B 57 22.65 43.33 -43.54
CA GLY B 57 21.28 43.63 -43.93
C GLY B 57 20.33 43.27 -42.80
N VAL B 58 19.04 43.22 -43.08
CA VAL B 58 18.01 43.07 -42.06
C VAL B 58 17.24 41.77 -42.24
N VAL B 59 17.23 40.93 -41.20
CA VAL B 59 16.37 39.73 -41.20
C VAL B 59 14.95 40.12 -40.79
N ASP B 60 13.98 39.70 -41.59
CA ASP B 60 12.59 39.88 -41.21
C ASP B 60 12.13 38.80 -40.23
N ALA B 61 11.95 39.21 -38.98
CA ALA B 61 11.42 38.31 -37.94
C ALA B 61 9.94 38.58 -37.79
N THR B 62 9.17 38.22 -38.80
CA THR B 62 7.80 38.72 -38.88
C THR B 62 6.77 37.60 -38.94
N THR B 63 7.21 36.36 -38.83
CA THR B 63 6.27 35.24 -38.77
C THR B 63 6.98 34.02 -38.18
N PHE B 64 6.23 33.09 -37.58
CA PHE B 64 6.87 31.88 -37.04
C PHE B 64 7.57 31.09 -38.14
N GLN B 65 8.72 30.54 -37.78
CA GLN B 65 9.43 29.67 -38.71
C GLN B 65 8.91 28.25 -38.61
N SER B 66 9.52 27.36 -39.38
CA SER B 66 9.08 25.97 -39.45
C SER B 66 9.07 25.20 -38.11
N VAL B 67 8.19 24.21 -38.03
CA VAL B 67 8.16 23.25 -36.92
C VAL B 67 9.30 22.22 -37.09
N CYS B 68 10.08 21.95 -36.04
CA CYS B 68 11.13 20.95 -36.15
C CYS B 68 10.53 19.63 -36.61
N TYR B 69 11.19 18.97 -37.55
CA TYR B 69 10.64 17.76 -38.15
C TYR B 69 10.23 16.75 -37.08
N GLN B 70 8.99 16.23 -37.17
CA GLN B 70 8.42 15.42 -36.10
C GLN B 70 7.25 14.58 -36.58
N TYR B 71 6.96 13.55 -35.79
CA TYR B 71 5.74 12.75 -35.89
C TYR B 71 4.47 13.59 -35.82
N VAL B 72 3.46 13.22 -36.60
CA VAL B 72 2.21 13.95 -36.58
C VAL B 72 1.14 13.02 -36.09
N ASP B 73 0.39 13.46 -35.08
CA ASP B 73 -0.55 12.57 -34.44
C ASP B 73 -1.71 12.25 -35.38
N THR B 74 -2.12 10.98 -35.42
CA THR B 74 -3.23 10.55 -36.27
C THR B 74 -4.32 9.82 -35.52
N LEU B 75 -4.33 9.88 -34.18
CA LEU B 75 -5.28 9.05 -33.42
C LEU B 75 -6.73 9.43 -33.76
N TYR B 76 -7.00 10.73 -33.77
CA TYR B 76 -8.33 11.24 -34.04
C TYR B 76 -8.24 12.38 -35.06
N PRO B 77 -8.12 12.02 -36.35
CA PRO B 77 -7.86 13.04 -37.38
C PRO B 77 -8.94 14.13 -37.39
N GLY B 78 -8.55 15.39 -37.38
CA GLY B 78 -9.52 16.48 -37.43
C GLY B 78 -10.10 16.89 -36.08
N PHE B 79 -9.84 16.10 -35.05
CA PHE B 79 -10.35 16.39 -33.72
C PHE B 79 -9.56 17.54 -33.06
N GLU B 80 -10.27 18.54 -32.55
CA GLU B 80 -9.61 19.70 -31.95
C GLU B 80 -8.64 19.35 -30.82
N GLY B 81 -9.03 18.43 -29.94
CA GLY B 81 -8.23 18.12 -28.76
C GLY B 81 -6.86 17.55 -29.07
N THR B 82 -6.72 16.89 -30.22
CA THR B 82 -5.42 16.43 -30.69
C THR B 82 -4.76 17.37 -31.69
N GLU B 83 -5.53 17.95 -32.61
CA GLU B 83 -4.93 18.79 -33.65
C GLU B 83 -4.30 20.05 -33.07
N MET B 84 -4.80 20.50 -31.93
CA MET B 84 -4.23 21.68 -31.28
C MET B 84 -2.74 21.51 -30.88
N TRP B 85 -2.27 20.26 -30.83
CA TRP B 85 -0.88 19.96 -30.46
C TRP B 85 -0.04 19.62 -31.70
N ASN B 86 -0.71 19.45 -32.84
CA ASN B 86 -0.02 19.07 -34.07
C ASN B 86 0.66 20.27 -34.72
N PRO B 87 1.66 20.03 -35.57
CA PRO B 87 2.37 21.13 -36.22
C PRO B 87 1.42 22.02 -36.99
N ASN B 88 1.59 23.34 -36.84
CA ASN B 88 0.74 24.30 -37.53
C ASN B 88 1.55 25.18 -38.48
N ARG B 89 2.79 24.77 -38.73
CA ARG B 89 3.64 25.32 -39.81
C ARG B 89 4.31 24.15 -40.51
N GLU B 90 4.88 24.38 -41.69
CA GLU B 90 5.54 23.30 -42.40
C GLU B 90 6.66 22.67 -41.56
N LEU B 91 6.85 21.36 -41.73
CA LEU B 91 7.93 20.62 -41.07
C LEU B 91 9.25 20.84 -41.77
N SER B 92 10.32 21.06 -41.01
CA SER B 92 11.63 21.16 -41.63
C SER B 92 12.70 20.84 -40.59
N GLU B 93 13.86 20.34 -41.04
CA GLU B 93 14.99 20.25 -40.11
C GLU B 93 15.59 21.61 -39.85
N ASP B 94 15.30 22.55 -40.76
CA ASP B 94 15.73 23.92 -40.60
C ASP B 94 14.69 24.60 -39.71
N CYS B 95 14.89 24.50 -38.39
CA CYS B 95 13.83 24.92 -37.45
C CYS B 95 14.34 25.65 -36.22
N LEU B 96 15.62 25.99 -36.20
CA LEU B 96 16.17 26.55 -34.96
C LEU B 96 16.04 28.08 -34.94
N TYR B 97 14.83 28.51 -34.60
CA TYR B 97 14.49 29.90 -34.55
C TYR B 97 13.82 30.14 -33.21
N LEU B 98 13.92 31.36 -32.70
CA LEU B 98 13.19 31.71 -31.50
C LEU B 98 12.37 32.98 -31.72
N ASN B 99 11.57 33.31 -30.72
CA ASN B 99 10.56 34.37 -30.80
C ASN B 99 10.65 35.25 -29.59
N VAL B 100 10.57 36.56 -29.80
CA VAL B 100 10.56 37.52 -28.70
C VAL B 100 9.32 38.41 -28.78
N TRP B 101 8.56 38.48 -27.69
CA TRP B 101 7.46 39.45 -27.62
C TRP B 101 7.84 40.47 -26.56
N THR B 102 7.61 41.75 -26.84
CA THR B 102 8.00 42.80 -25.89
C THR B 102 6.92 43.88 -25.89
N PRO B 103 6.79 44.64 -24.80
CA PRO B 103 5.74 45.68 -24.87
C PRO B 103 6.00 46.72 -25.95
N TYR B 104 4.92 47.36 -26.40
CA TYR B 104 4.99 48.44 -27.39
C TYR B 104 4.33 49.64 -26.73
N PRO B 105 5.10 50.69 -26.46
CA PRO B 105 6.52 50.87 -26.78
C PRO B 105 7.44 50.02 -25.91
N ARG B 106 8.63 49.76 -26.45
CA ARG B 106 9.63 48.96 -25.80
C ARG B 106 9.90 49.50 -24.40
N PRO B 107 10.10 48.60 -23.43
CA PRO B 107 10.41 49.03 -22.05
C PRO B 107 11.61 49.97 -22.00
N THR B 108 11.55 50.96 -21.12
CA THR B 108 12.60 51.97 -21.00
C THR B 108 13.58 51.57 -19.91
N SER B 109 13.14 50.66 -19.04
CA SER B 109 14.03 50.09 -18.03
C SER B 109 13.93 48.55 -18.11
N PRO B 110 14.99 47.84 -17.69
CA PRO B 110 15.07 46.38 -17.82
C PRO B 110 13.89 45.62 -17.21
N THR B 111 13.28 44.78 -18.03
CA THR B 111 12.02 44.13 -17.73
C THR B 111 12.25 42.62 -17.55
N PRO B 112 11.64 42.00 -16.51
CA PRO B 112 11.79 40.56 -16.30
C PRO B 112 11.37 39.72 -17.53
N VAL B 113 12.13 38.66 -17.77
CA VAL B 113 11.94 37.80 -18.92
C VAL B 113 11.37 36.42 -18.57
N LEU B 114 10.30 36.03 -19.24
CA LEU B 114 9.82 34.65 -19.22
C LEU B 114 10.26 33.91 -20.47
N VAL B 115 10.86 32.74 -20.30
CA VAL B 115 11.26 31.90 -21.45
C VAL B 115 10.49 30.59 -21.43
N TRP B 116 9.65 30.38 -22.45
CA TRP B 116 8.81 29.20 -22.56
C TRP B 116 9.50 28.08 -23.28
N ILE B 117 9.38 26.89 -22.72
CA ILE B 117 9.88 25.67 -23.38
C ILE B 117 8.71 24.69 -23.52
N TYR B 118 8.27 24.44 -24.74
CA TYR B 118 7.12 23.57 -24.99
C TYR B 118 7.41 22.13 -24.64
N GLY B 119 6.35 21.39 -24.30
CA GLY B 119 6.44 19.94 -24.16
C GLY B 119 5.95 19.19 -25.39
N GLY B 120 5.57 17.94 -25.21
CA GLY B 120 5.30 17.03 -26.32
C GLY B 120 6.19 15.77 -26.32
N GLY B 121 6.54 15.31 -25.12
CA GLY B 121 7.27 14.06 -24.93
C GLY B 121 8.64 13.95 -25.58
N PHE B 122 9.28 15.10 -25.82
CA PHE B 122 10.55 15.20 -26.55
C PHE B 122 10.49 14.72 -28.00
N TYR B 123 9.28 14.39 -28.48
CA TYR B 123 9.13 13.97 -29.88
C TYR B 123 8.29 14.94 -30.73
N SER B 124 7.69 15.95 -30.11
CA SER B 124 6.74 16.82 -30.80
C SER B 124 6.70 18.18 -30.13
N GLY B 125 5.91 19.09 -30.71
CA GLY B 125 5.77 20.43 -30.18
C GLY B 125 6.38 21.50 -31.07
N ALA B 126 6.01 22.75 -30.83
CA ALA B 126 6.53 23.87 -31.61
C ALA B 126 6.17 25.15 -30.86
N SER B 127 7.00 26.18 -31.01
CA SER B 127 6.75 27.45 -30.34
C SER B 127 5.63 28.18 -31.07
N SER B 128 5.26 27.67 -32.24
CA SER B 128 4.23 28.33 -33.04
C SER B 128 2.78 27.94 -32.71
N LEU B 129 2.57 26.94 -31.84
CA LEU B 129 1.20 26.51 -31.52
C LEU B 129 0.38 27.66 -30.97
N ASP B 130 -0.90 27.74 -31.35
CA ASP B 130 -1.76 28.86 -30.94
C ASP B 130 -1.81 29.02 -29.43
N VAL B 131 -1.74 27.90 -28.71
CA VAL B 131 -1.89 27.94 -27.25
C VAL B 131 -0.68 28.53 -26.53
N TYR B 132 0.44 28.73 -27.25
CA TYR B 132 1.65 29.33 -26.66
C TYR B 132 1.84 30.78 -27.14
N ASP B 133 0.79 31.38 -27.67
CA ASP B 133 0.90 32.73 -28.22
C ASP B 133 1.23 33.69 -27.07
N GLY B 134 2.41 34.29 -27.13
CA GLY B 134 2.89 35.12 -26.05
C GLY B 134 2.29 36.52 -25.93
N ARG B 135 1.38 36.91 -26.85
CA ARG B 135 0.97 38.32 -26.90
C ARG B 135 0.14 38.78 -25.69
N PHE B 136 -0.73 37.92 -25.18
CA PHE B 136 -1.61 38.28 -24.05
C PHE B 136 -0.85 38.52 -22.78
N LEU B 137 0.14 37.68 -22.54
CA LEU B 137 0.90 37.73 -21.29
C LEU B 137 1.74 38.98 -21.29
N VAL B 138 2.34 39.26 -22.44
CA VAL B 138 3.18 40.44 -22.53
C VAL B 138 2.36 41.71 -22.37
N GLN B 139 1.20 41.75 -23.01
CA GLN B 139 0.29 42.88 -22.85
C GLN B 139 -0.22 43.05 -21.41
N ALA B 140 -0.73 41.98 -20.82
CA ALA B 140 -1.32 42.05 -19.48
C ALA B 140 -0.31 42.31 -18.37
N GLU B 141 0.86 41.70 -18.47
CA GLU B 141 1.79 41.73 -17.35
C GLU B 141 3.08 42.48 -17.61
N ARG B 142 3.31 42.91 -18.85
CA ARG B 142 4.44 43.78 -19.17
C ARG B 142 5.77 43.10 -18.89
N THR B 143 5.88 41.83 -19.27
CA THR B 143 7.16 41.17 -19.19
C THR B 143 7.62 41.06 -20.63
N VAL B 144 8.85 40.61 -20.81
CA VAL B 144 9.30 40.15 -22.10
C VAL B 144 9.12 38.64 -22.14
N LEU B 145 8.58 38.12 -23.23
CA LEU B 145 8.43 36.67 -23.36
C LEU B 145 9.27 36.17 -24.53
N VAL B 146 10.02 35.10 -24.29
CA VAL B 146 10.81 34.44 -25.33
C VAL B 146 10.36 32.98 -25.44
N SER B 147 10.26 32.45 -26.66
CA SER B 147 10.12 30.98 -26.87
C SER B 147 11.03 30.54 -28.00
N MET B 148 11.43 29.27 -27.97
CA MET B 148 12.36 28.73 -28.96
C MET B 148 11.87 27.40 -29.50
N ASN B 149 12.21 27.10 -30.75
CA ASN B 149 12.06 25.72 -31.18
C ASN B 149 13.35 24.97 -30.85
N TYR B 150 13.24 23.68 -30.55
CA TYR B 150 14.40 22.83 -30.32
C TYR B 150 14.12 21.50 -31.00
N ARG B 151 15.17 20.81 -31.47
CA ARG B 151 14.92 19.53 -32.16
C ARG B 151 14.31 18.45 -31.28
N VAL B 152 13.52 17.56 -31.88
CA VAL B 152 12.76 16.57 -31.13
C VAL B 152 12.89 15.21 -31.83
N GLY B 153 12.40 14.16 -31.19
CA GLY B 153 12.52 12.81 -31.71
C GLY B 153 13.97 12.45 -31.99
N ALA B 154 14.18 11.61 -33.00
CA ALA B 154 15.54 11.20 -33.35
C ALA B 154 16.46 12.39 -33.61
N PHE B 155 15.93 13.44 -34.24
CA PHE B 155 16.79 14.56 -34.62
C PHE B 155 17.36 15.29 -33.41
N GLY B 156 16.61 15.31 -32.32
CA GLY B 156 17.08 15.98 -31.12
C GLY B 156 17.73 15.07 -30.07
N PHE B 157 17.37 13.80 -30.08
CA PHE B 157 17.68 12.91 -28.96
C PHE B 157 18.19 11.52 -29.32
N LEU B 158 18.37 11.22 -30.60
CA LEU B 158 19.02 9.95 -30.95
C LEU B 158 20.44 10.06 -30.38
N ALA B 159 20.88 9.03 -29.66
CA ALA B 159 22.19 9.07 -29.05
C ALA B 159 22.95 7.77 -29.29
N LEU B 160 24.22 7.89 -29.70
CA LEU B 160 25.15 6.76 -29.68
C LEU B 160 26.24 7.22 -28.71
N PRO B 161 26.03 6.96 -27.41
CA PRO B 161 26.84 7.64 -26.39
C PRO B 161 28.31 7.33 -26.60
N GLY B 162 29.15 8.33 -26.33
CA GLY B 162 30.56 8.23 -26.70
C GLY B 162 30.89 8.73 -28.10
N SER B 163 29.95 8.64 -29.06
CA SER B 163 30.25 9.09 -30.43
C SER B 163 30.24 10.61 -30.55
N ARG B 164 31.07 11.14 -31.44
CA ARG B 164 31.06 12.58 -31.71
C ARG B 164 29.97 12.90 -32.73
N GLU B 165 29.56 11.90 -33.49
CA GLU B 165 28.61 12.15 -34.60
C GLU B 165 27.14 12.11 -34.17
N ALA B 166 26.83 11.49 -33.04
CA ALA B 166 25.48 11.61 -32.49
C ALA B 166 25.56 11.45 -30.98
N PRO B 167 26.02 12.49 -30.29
CA PRO B 167 26.35 12.36 -28.88
C PRO B 167 25.11 12.34 -27.98
N GLY B 168 23.95 12.74 -28.49
CA GLY B 168 22.74 12.75 -27.69
C GLY B 168 22.50 14.13 -27.11
N ASN B 169 21.29 14.34 -26.56
CA ASN B 169 20.93 15.60 -25.91
C ASN B 169 21.03 16.89 -26.75
N VAL B 170 21.16 16.77 -28.06
CA VAL B 170 21.33 18.00 -28.87
C VAL B 170 20.08 18.93 -28.81
N GLY B 171 18.89 18.35 -28.63
CA GLY B 171 17.70 19.18 -28.40
C GLY B 171 17.79 20.00 -27.12
N LEU B 172 18.42 19.44 -26.07
CA LEU B 172 18.68 20.24 -24.86
C LEU B 172 19.75 21.32 -25.14
N LEU B 173 20.72 21.00 -25.98
CA LEU B 173 21.72 21.98 -26.37
C LEU B 173 21.11 23.10 -27.21
N ASP B 174 20.09 22.78 -28.02
CA ASP B 174 19.35 23.83 -28.74
C ASP B 174 18.72 24.80 -27.76
N GLN B 175 18.06 24.26 -26.72
CA GLN B 175 17.44 25.11 -25.73
C GLN B 175 18.49 25.95 -25.03
N ARG B 176 19.60 25.33 -24.65
CA ARG B 176 20.67 26.06 -23.99
C ARG B 176 21.23 27.20 -24.86
N LEU B 177 21.41 26.92 -26.16
CA LEU B 177 21.93 27.97 -27.05
C LEU B 177 20.92 29.13 -27.08
N ALA B 178 19.63 28.82 -27.08
CA ALA B 178 18.62 29.88 -27.07
C ALA B 178 18.71 30.71 -25.77
N LEU B 179 18.96 30.05 -24.65
CA LEU B 179 19.10 30.73 -23.36
C LEU B 179 20.35 31.63 -23.35
N GLN B 180 21.42 31.18 -23.99
CA GLN B 180 22.62 32.02 -24.17
C GLN B 180 22.32 33.23 -25.03
N TRP B 181 21.55 33.01 -26.08
CA TRP B 181 21.13 34.10 -26.93
C TRP B 181 20.34 35.13 -26.11
N VAL B 182 19.46 34.64 -25.23
CA VAL B 182 18.70 35.54 -24.36
C VAL B 182 19.65 36.36 -23.47
N GLN B 183 20.65 35.69 -22.88
CA GLN B 183 21.62 36.40 -22.05
C GLN B 183 22.32 37.51 -22.86
N GLU B 184 22.71 37.19 -24.09
CA GLU B 184 23.45 38.16 -24.94
C GLU B 184 22.61 39.25 -25.57
N ASN B 185 21.32 39.00 -25.78
CA ASN B 185 20.55 39.86 -26.65
C ASN B 185 19.24 40.44 -26.11
N VAL B 186 18.72 39.92 -25.00
CA VAL B 186 17.35 40.27 -24.61
C VAL B 186 17.26 41.74 -24.20
N ALA B 187 18.38 42.28 -23.73
CA ALA B 187 18.44 43.68 -23.31
C ALA B 187 18.11 44.60 -24.48
N ALA B 188 18.46 44.16 -25.70
CA ALA B 188 18.13 44.96 -26.89
C ALA B 188 16.64 45.13 -27.04
N PHE B 189 15.86 44.23 -26.43
CA PHE B 189 14.40 44.31 -26.53
C PHE B 189 13.80 44.91 -25.26
N GLY B 190 14.65 45.33 -24.34
CA GLY B 190 14.15 45.93 -23.09
C GLY B 190 14.08 44.92 -21.94
N GLY B 191 14.56 43.71 -22.19
CA GLY B 191 14.52 42.65 -21.19
C GLY B 191 15.72 42.68 -20.27
N ASP B 192 15.52 42.15 -19.06
CA ASP B 192 16.56 42.11 -18.06
C ASP B 192 17.18 40.73 -18.00
N PRO B 193 18.41 40.60 -18.49
CA PRO B 193 18.99 39.25 -18.48
C PRO B 193 19.30 38.74 -17.06
N THR B 194 19.24 39.60 -16.05
CA THR B 194 19.54 39.15 -14.70
C THR B 194 18.26 38.62 -14.07
N SER B 195 17.15 38.75 -14.78
CA SER B 195 15.88 38.25 -14.27
C SER B 195 15.15 37.40 -15.32
N VAL B 196 15.67 36.21 -15.57
CA VAL B 196 15.07 35.27 -16.51
C VAL B 196 14.43 34.12 -15.77
N THR B 197 13.14 33.91 -16.02
CA THR B 197 12.38 32.83 -15.44
C THR B 197 12.01 31.83 -16.55
N LEU B 198 12.54 30.61 -16.46
CA LEU B 198 12.13 29.55 -17.40
C LEU B 198 10.80 28.97 -17.02
N PHE B 199 9.93 28.72 -18.00
CA PHE B 199 8.73 27.93 -17.71
C PHE B 199 8.47 26.95 -18.83
N GLY B 200 7.89 25.81 -18.49
CA GLY B 200 7.61 24.77 -19.47
C GLY B 200 6.63 23.77 -18.92
N GLU B 201 5.98 23.01 -19.78
CA GLU B 201 5.01 22.03 -19.37
C GLU B 201 5.39 20.69 -19.97
N SER B 202 5.10 19.62 -19.22
CA SER B 202 5.43 18.24 -19.62
C SER B 202 6.93 18.07 -19.95
N ALA B 203 7.27 17.66 -21.19
CA ALA B 203 8.70 17.54 -21.52
C ALA B 203 9.41 18.89 -21.43
N GLY B 204 8.67 19.98 -21.60
CA GLY B 204 9.28 21.30 -21.43
C GLY B 204 9.58 21.57 -19.96
N ALA B 205 8.71 21.08 -19.07
CA ALA B 205 8.99 21.15 -17.63
C ALA B 205 10.18 20.26 -17.23
N ALA B 206 10.24 19.05 -17.79
CA ALA B 206 11.39 18.18 -17.56
C ALA B 206 12.67 18.86 -18.04
N SER B 207 12.57 19.56 -19.18
CA SER B 207 13.71 20.30 -19.73
C SER B 207 14.18 21.40 -18.78
N VAL B 208 13.23 22.22 -18.31
CA VAL B 208 13.53 23.22 -17.28
C VAL B 208 14.33 22.62 -16.10
N GLY B 209 13.84 21.51 -15.56
CA GLY B 209 14.52 20.83 -14.47
C GLY B 209 15.90 20.32 -14.89
N MET B 210 16.04 19.84 -16.11
CA MET B 210 17.37 19.48 -16.58
C MET B 210 18.32 20.67 -16.66
N HIS B 211 17.81 21.85 -17.04
CA HIS B 211 18.66 23.05 -17.00
C HIS B 211 19.02 23.44 -15.56
N LEU B 212 18.09 23.23 -14.61
CA LEU B 212 18.39 23.44 -13.20
C LEU B 212 19.59 22.60 -12.76
N LEU B 213 19.69 21.39 -13.31
CA LEU B 213 20.62 20.38 -12.83
C LEU B 213 21.93 20.29 -13.63
N SER B 214 22.10 21.15 -14.62
CA SER B 214 23.28 21.09 -15.49
C SER B 214 23.98 22.44 -15.32
N PRO B 215 25.15 22.45 -14.65
CA PRO B 215 25.78 23.74 -14.28
C PRO B 215 25.92 24.75 -15.43
N PRO B 216 26.25 24.32 -16.67
CA PRO B 216 26.38 25.32 -17.73
C PRO B 216 25.06 26.00 -18.07
N SER B 217 23.92 25.36 -17.85
CA SER B 217 22.63 26.02 -18.10
C SER B 217 22.23 26.87 -16.91
N ARG B 218 22.55 26.40 -15.71
CA ARG B 218 22.07 27.01 -14.47
C ARG B 218 22.45 28.51 -14.36
N GLY B 219 23.61 28.86 -14.88
CA GLY B 219 23.99 30.27 -14.92
C GLY B 219 23.20 31.16 -15.88
N LEU B 220 22.30 30.61 -16.68
CA LEU B 220 21.62 31.40 -17.74
C LEU B 220 20.22 31.86 -17.34
N PHE B 221 19.81 31.57 -16.12
CA PHE B 221 18.49 31.97 -15.67
C PHE B 221 18.45 32.00 -14.15
N HIS B 222 17.38 32.59 -13.63
N HIS B 222 17.34 32.48 -13.59
CA HIS B 222 17.25 32.84 -12.19
CA HIS B 222 17.29 32.76 -12.15
C HIS B 222 16.22 31.94 -11.53
C HIS B 222 16.12 32.12 -11.41
N ARG B 223 15.02 31.86 -12.12
CA ARG B 223 13.90 31.16 -11.49
C ARG B 223 13.32 30.13 -12.46
N ALA B 224 12.50 29.24 -11.93
CA ALA B 224 11.95 28.16 -12.74
C ALA B 224 10.50 27.79 -12.42
N VAL B 225 9.76 27.43 -13.45
CA VAL B 225 8.38 26.96 -13.34
C VAL B 225 8.24 25.62 -14.05
N LEU B 226 7.77 24.60 -13.32
CA LEU B 226 7.62 23.26 -13.90
C LEU B 226 6.17 22.85 -13.84
N GLN B 227 5.52 22.89 -14.99
CA GLN B 227 4.11 22.55 -15.08
C GLN B 227 3.96 21.10 -15.54
N SER B 228 3.41 20.23 -14.70
CA SER B 228 3.09 18.83 -15.07
C SER B 228 4.25 18.06 -15.68
N GLY B 229 5.45 18.22 -15.14
CA GLY B 229 6.56 17.42 -15.59
C GLY B 229 7.73 17.68 -14.68
N ALA B 230 8.72 16.79 -14.74
CA ALA B 230 9.88 16.86 -13.89
C ALA B 230 11.01 16.07 -14.54
N PRO B 231 12.27 16.45 -14.30
CA PRO B 231 13.38 15.79 -15.00
C PRO B 231 13.57 14.35 -14.50
N ASN B 232 13.12 14.06 -13.28
CA ASN B 232 13.17 12.73 -12.70
C ASN B 232 11.98 11.86 -13.07
N GLY B 233 11.09 12.36 -13.92
CA GLY B 233 10.06 11.48 -14.48
C GLY B 233 10.60 10.21 -15.15
N PRO B 234 9.95 9.04 -14.94
CA PRO B 234 10.44 7.77 -15.50
C PRO B 234 10.48 7.71 -17.06
N TRP B 235 9.83 8.66 -17.74
CA TRP B 235 9.82 8.74 -19.20
C TRP B 235 10.85 9.75 -19.72
N ALA B 236 11.37 10.57 -18.81
CA ALA B 236 12.10 11.79 -19.18
C ALA B 236 13.56 11.59 -19.53
N THR B 237 14.16 10.49 -19.09
CA THR B 237 15.56 10.22 -19.43
C THR B 237 15.69 8.74 -19.70
N VAL B 238 16.79 8.38 -20.35
CA VAL B 238 17.07 6.99 -20.65
C VAL B 238 18.56 6.77 -20.32
N GLY B 239 18.96 5.55 -19.99
CA GLY B 239 20.38 5.31 -19.72
C GLY B 239 21.13 5.10 -21.04
N MET B 240 22.47 5.11 -20.98
CA MET B 240 23.33 5.02 -22.17
C MET B 240 23.07 3.77 -23.00
N GLY B 241 22.99 2.63 -22.34
CA GLY B 241 22.82 1.38 -23.04
C GLY B 241 21.49 1.29 -23.76
N GLU B 242 20.41 1.73 -23.11
CA GLU B 242 19.10 1.65 -23.75
C GLU B 242 19.00 2.63 -24.94
N ALA B 243 19.64 3.79 -24.82
CA ALA B 243 19.66 4.79 -25.89
C ALA B 243 20.41 4.22 -27.09
N ARG B 244 21.53 3.55 -26.81
CA ARG B 244 22.33 2.93 -27.89
C ARG B 244 21.49 1.86 -28.57
N ARG B 245 20.79 1.05 -27.76
CA ARG B 245 19.92 0.01 -28.29
C ARG B 245 18.84 0.58 -29.21
N ARG B 246 18.20 1.65 -28.74
CA ARG B 246 17.17 2.32 -29.54
C ARG B 246 17.72 2.93 -30.86
N ALA B 247 18.85 3.63 -30.77
CA ALA B 247 19.44 4.28 -31.94
C ALA B 247 19.84 3.20 -32.93
N THR B 248 20.42 2.13 -32.40
CA THR B 248 20.92 1.04 -33.23
C THR B 248 19.76 0.35 -33.93
N GLN B 249 18.65 0.14 -33.21
N GLN B 249 18.65 0.17 -33.22
CA GLN B 249 17.48 -0.50 -33.80
CA GLN B 249 17.50 -0.50 -33.81
C GLN B 249 16.90 0.40 -34.90
C GLN B 249 16.79 0.38 -34.84
N LEU B 250 16.81 1.69 -34.62
CA LEU B 250 16.23 2.63 -35.57
C LEU B 250 17.06 2.56 -36.86
N ALA B 251 18.38 2.61 -36.72
CA ALA B 251 19.29 2.53 -37.86
C ALA B 251 19.03 1.24 -38.64
N HIS B 252 18.97 0.13 -37.91
CA HIS B 252 18.62 -1.15 -38.51
C HIS B 252 17.31 -1.14 -39.29
N LEU B 253 16.25 -0.57 -38.71
CA LEU B 253 14.94 -0.54 -39.39
C LEU B 253 14.92 0.26 -40.73
N VAL B 254 15.85 1.20 -40.87
CA VAL B 254 15.96 1.98 -42.10
C VAL B 254 17.18 1.58 -42.92
N GLY B 255 17.76 0.41 -42.64
CA GLY B 255 18.82 -0.15 -43.47
C GLY B 255 20.24 0.29 -43.20
N CYS B 256 20.53 0.74 -41.98
CA CYS B 256 21.87 1.21 -41.64
C CYS B 256 22.44 0.37 -40.50
N PRO B 257 23.63 -0.23 -40.68
CA PRO B 257 24.38 -0.18 -41.94
C PRO B 257 23.81 -1.27 -42.85
N PRO B 258 24.09 -1.19 -44.17
CA PRO B 258 23.55 -2.22 -45.08
C PRO B 258 24.16 -3.59 -44.77
N GLY B 259 23.31 -4.61 -44.66
CA GLY B 259 23.73 -5.96 -44.31
C GLY B 259 24.33 -6.08 -42.92
N GLY B 260 23.74 -5.42 -41.94
CA GLY B 260 24.28 -5.45 -40.59
C GLY B 260 23.52 -4.71 -39.50
N THR B 261 24.11 -4.74 -38.30
CA THR B 261 23.58 -4.05 -37.14
C THR B 261 24.75 -3.37 -36.42
N GLY B 262 24.59 -2.11 -36.05
CA GLY B 262 25.59 -1.46 -35.23
C GLY B 262 26.87 -1.22 -36.00
N GLY B 263 28.00 -1.64 -35.43
CA GLY B 263 29.30 -1.41 -36.06
C GLY B 263 29.85 -0.02 -35.79
N ASN B 264 30.74 0.43 -36.66
CA ASN B 264 31.40 1.73 -36.52
C ASN B 264 30.35 2.84 -36.41
N ASP B 265 30.44 3.68 -35.37
CA ASP B 265 29.39 4.70 -35.14
C ASP B 265 29.42 5.77 -36.24
N THR B 266 30.61 6.25 -36.55
CA THR B 266 30.79 7.22 -37.65
C THR B 266 30.05 6.76 -38.88
N GLU B 267 30.29 5.52 -39.28
CA GLU B 267 29.63 4.98 -40.45
C GLU B 267 28.12 4.81 -40.29
N LEU B 268 27.70 4.44 -39.08
N LEU B 268 27.68 4.43 -39.10
CA LEU B 268 26.30 4.26 -38.81
CA LEU B 268 26.26 4.26 -38.88
C LEU B 268 25.55 5.59 -38.96
C LEU B 268 25.54 5.60 -38.99
N VAL B 269 26.12 6.63 -38.38
CA VAL B 269 25.47 7.95 -38.40
C VAL B 269 25.53 8.53 -39.82
N ALA B 270 26.67 8.35 -40.49
CA ALA B 270 26.79 8.78 -41.88
C ALA B 270 25.66 8.19 -42.70
N CYS B 271 25.38 6.91 -42.48
CA CYS B 271 24.26 6.29 -43.17
C CYS B 271 22.89 6.85 -42.74
N LEU B 272 22.71 7.11 -41.44
CA LEU B 272 21.45 7.71 -40.99
C LEU B 272 21.26 9.09 -41.61
N ARG B 273 22.36 9.85 -41.75
CA ARG B 273 22.26 11.21 -42.31
C ARG B 273 21.79 11.23 -43.77
N THR B 274 21.79 10.06 -44.43
CA THR B 274 21.34 10.01 -45.84
C THR B 274 19.88 9.70 -45.94
N ARG B 275 19.25 9.27 -44.85
CA ARG B 275 17.83 8.97 -44.94
C ARG B 275 16.99 10.27 -44.91
N PRO B 276 15.91 10.29 -45.69
CA PRO B 276 14.92 11.38 -45.61
C PRO B 276 14.37 11.48 -44.18
N ALA B 277 14.16 12.69 -43.68
CA ALA B 277 13.65 12.91 -42.33
C ALA B 277 12.41 12.07 -42.07
N GLN B 278 11.48 12.06 -43.02
CA GLN B 278 10.22 11.36 -42.79
C GLN B 278 10.45 9.85 -42.64
N VAL B 279 11.49 9.33 -43.26
CA VAL B 279 11.76 7.90 -43.12
C VAL B 279 12.18 7.57 -41.67
N LEU B 280 13.00 8.43 -41.04
CA LEU B 280 13.32 8.21 -39.63
C LEU B 280 12.05 8.31 -38.78
N VAL B 281 11.24 9.33 -39.05
CA VAL B 281 10.01 9.54 -38.28
C VAL B 281 9.08 8.33 -38.36
N ASN B 282 8.94 7.73 -39.54
CA ASN B 282 8.04 6.59 -39.73
C ASN B 282 8.38 5.39 -38.86
N HIS B 283 9.63 5.30 -38.41
CA HIS B 283 10.03 4.15 -37.62
C HIS B 283 10.31 4.43 -36.15
N GLU B 284 10.24 5.70 -35.74
CA GLU B 284 10.75 6.04 -34.42
C GLU B 284 9.99 5.41 -33.25
N TRP B 285 8.69 5.16 -33.41
CA TRP B 285 7.92 4.55 -32.32
C TRP B 285 8.24 3.08 -32.16
N HIS B 286 8.80 2.46 -33.19
CA HIS B 286 8.98 1.00 -33.20
C HIS B 286 10.19 0.52 -32.39
N VAL B 287 11.02 1.44 -31.90
CA VAL B 287 12.20 1.00 -31.16
C VAL B 287 11.98 0.87 -29.65
N LEU B 288 10.79 1.20 -29.17
CA LEU B 288 10.51 1.11 -27.74
C LEU B 288 10.46 -0.37 -27.37
N PRO B 289 10.82 -0.72 -26.12
CA PRO B 289 10.88 -2.14 -25.72
C PRO B 289 9.54 -2.85 -25.63
N GLN B 290 8.45 -2.11 -25.46
CA GLN B 290 7.12 -2.72 -25.46
C GLN B 290 6.07 -1.69 -25.84
N GLU B 291 4.85 -2.17 -26.06
CA GLU B 291 3.70 -1.28 -26.18
C GLU B 291 3.36 -0.65 -24.83
N SER B 292 3.31 0.66 -24.82
CA SER B 292 3.14 1.37 -23.57
C SER B 292 2.37 2.65 -23.82
N VAL B 293 2.01 3.36 -22.75
CA VAL B 293 1.67 4.78 -22.89
C VAL B 293 2.66 5.61 -22.07
N PHE B 294 2.80 6.88 -22.45
CA PHE B 294 3.68 7.82 -21.74
C PHE B 294 5.14 7.34 -21.77
N ARG B 295 5.56 6.73 -22.88
CA ARG B 295 6.98 6.42 -23.10
C ARG B 295 7.34 6.87 -24.51
N PHE B 296 8.52 7.45 -24.64
CA PHE B 296 8.96 8.03 -25.90
C PHE B 296 10.36 7.56 -26.21
N SER B 297 10.59 7.27 -27.48
CA SER B 297 11.81 6.55 -27.88
C SER B 297 13.09 7.35 -27.63
N PHE B 298 13.08 8.60 -28.08
CA PHE B 298 14.25 9.42 -28.05
C PHE B 298 14.09 10.59 -27.09
N VAL B 299 14.76 10.48 -25.94
CA VAL B 299 14.65 11.43 -24.84
C VAL B 299 16.05 11.71 -24.31
N PRO B 300 16.21 12.71 -23.44
CA PRO B 300 17.54 12.99 -22.90
C PRO B 300 18.24 11.74 -22.33
N VAL B 301 19.54 11.64 -22.57
CA VAL B 301 20.31 10.46 -22.14
C VAL B 301 21.19 10.89 -20.97
N VAL B 302 21.26 10.05 -19.95
CA VAL B 302 22.16 10.32 -18.85
C VAL B 302 23.51 9.75 -19.27
N ASP B 303 24.43 10.62 -19.66
CA ASP B 303 25.73 10.17 -20.14
C ASP B 303 26.91 10.88 -19.46
N GLY B 304 26.66 11.53 -18.34
CA GLY B 304 27.75 12.12 -17.59
C GLY B 304 28.16 13.46 -18.12
N ASP B 305 27.60 13.86 -19.26
CA ASP B 305 27.97 15.15 -19.84
C ASP B 305 26.95 16.24 -19.48
N PHE B 306 25.85 16.38 -20.25
CA PHE B 306 24.84 17.39 -19.88
C PHE B 306 24.32 17.11 -18.45
N LEU B 307 24.05 15.84 -18.19
CA LEU B 307 23.64 15.36 -16.88
C LEU B 307 24.75 14.46 -16.32
N SER B 308 25.41 14.89 -15.26
CA SER B 308 26.53 14.10 -14.71
C SER B 308 26.06 12.85 -13.94
N ASP B 309 24.77 12.77 -13.64
CA ASP B 309 24.18 11.64 -12.93
C ASP B 309 22.70 11.70 -13.25
N THR B 310 21.92 10.72 -12.79
CA THR B 310 20.49 10.75 -12.99
C THR B 310 19.92 12.01 -12.34
N PRO B 311 18.81 12.54 -12.87
CA PRO B 311 18.20 13.71 -12.26
C PRO B 311 17.88 13.44 -10.78
N GLU B 312 17.39 12.23 -10.52
CA GLU B 312 17.05 11.83 -9.15
C GLU B 312 18.24 12.07 -8.20
N ALA B 313 19.42 11.59 -8.60
CA ALA B 313 20.61 11.75 -7.78
C ALA B 313 21.09 13.20 -7.72
N LEU B 314 20.93 13.93 -8.82
CA LEU B 314 21.40 15.31 -8.83
C LEU B 314 20.54 16.16 -7.92
N ILE B 315 19.25 15.86 -7.91
CA ILE B 315 18.30 16.54 -7.06
C ILE B 315 18.63 16.24 -5.58
N ASN B 316 18.86 14.97 -5.27
CA ASN B 316 19.19 14.57 -3.89
C ASN B 316 20.49 15.18 -3.39
N ALA B 317 21.41 15.43 -4.29
CA ALA B 317 22.73 15.92 -3.92
C ALA B 317 22.85 17.44 -3.98
N GLY B 318 21.83 18.11 -4.49
CA GLY B 318 22.02 19.51 -4.84
C GLY B 318 21.75 20.46 -3.70
N ASP B 319 22.45 21.58 -3.71
CA ASP B 319 22.17 22.69 -2.80
C ASP B 319 21.37 23.71 -3.61
N PHE B 320 20.17 24.00 -3.16
CA PHE B 320 19.27 24.84 -3.92
C PHE B 320 18.95 26.14 -3.21
N HIS B 321 19.82 26.54 -2.29
CA HIS B 321 19.69 27.85 -1.68
C HIS B 321 19.76 28.94 -2.74
N GLY B 322 18.90 29.94 -2.62
CA GLY B 322 18.86 31.00 -3.61
C GLY B 322 17.91 30.78 -4.79
N LEU B 323 17.28 29.61 -4.85
CA LEU B 323 16.40 29.29 -5.96
C LEU B 323 14.94 29.43 -5.55
N GLN B 324 14.13 30.05 -6.41
CA GLN B 324 12.68 29.97 -6.25
C GLN B 324 12.10 29.15 -7.41
N VAL B 325 11.14 28.30 -7.10
N VAL B 325 11.17 28.25 -7.11
CA VAL B 325 10.50 27.44 -8.09
CA VAL B 325 10.51 27.45 -8.12
C VAL B 325 9.00 27.39 -7.87
C VAL B 325 9.01 27.39 -7.88
N LEU B 326 8.27 27.33 -8.97
CA LEU B 326 6.83 27.17 -8.93
C LEU B 326 6.55 25.87 -9.69
N VAL B 327 5.76 24.96 -9.10
CA VAL B 327 5.53 23.64 -9.70
C VAL B 327 4.08 23.24 -9.53
N GLY B 328 3.58 22.36 -10.38
CA GLY B 328 2.21 21.96 -10.23
C GLY B 328 1.76 20.93 -11.23
N VAL B 329 0.50 20.53 -11.07
CA VAL B 329 -0.09 19.48 -11.86
C VAL B 329 -1.51 19.87 -12.17
N VAL B 330 -2.11 19.22 -13.15
CA VAL B 330 -3.54 19.38 -13.38
C VAL B 330 -4.25 18.27 -12.60
N LYS B 331 -5.57 18.33 -12.55
CA LYS B 331 -6.35 17.43 -11.71
C LYS B 331 -6.31 16.00 -12.22
N ASP B 332 -6.30 15.80 -13.53
CA ASP B 332 -6.31 14.44 -14.06
C ASP B 332 -5.16 14.18 -15.01
N GLU B 333 -3.95 14.10 -14.45
CA GLU B 333 -2.74 13.97 -15.24
C GLU B 333 -2.78 12.76 -16.16
N GLY B 334 -3.41 11.68 -15.69
CA GLY B 334 -3.28 10.39 -16.38
C GLY B 334 -4.21 10.15 -17.58
N SER B 335 -5.35 10.83 -17.61
CA SER B 335 -6.46 10.40 -18.49
C SER B 335 -6.15 10.47 -20.00
N TYR B 336 -5.48 11.55 -20.41
CA TYR B 336 -5.15 11.79 -21.82
C TYR B 336 -4.33 10.65 -22.41
N PHE B 337 -3.45 10.05 -21.60
CA PHE B 337 -2.55 9.03 -22.12
C PHE B 337 -3.22 7.70 -22.38
N LEU B 338 -4.32 7.46 -21.67
CA LEU B 338 -4.97 6.16 -21.71
C LEU B 338 -5.54 5.80 -23.09
N VAL B 339 -6.01 6.80 -23.84
CA VAL B 339 -6.61 6.52 -25.15
C VAL B 339 -5.54 6.19 -26.19
N TYR B 340 -4.28 6.29 -25.80
CA TYR B 340 -3.18 5.94 -26.70
C TYR B 340 -2.66 4.52 -26.53
N GLY B 341 -3.43 3.62 -25.92
CA GLY B 341 -2.95 2.25 -25.82
C GLY B 341 -3.46 1.38 -24.68
N ALA B 342 -4.13 1.96 -23.67
CA ALA B 342 -4.68 1.14 -22.60
C ALA B 342 -5.92 0.43 -23.13
N PRO B 343 -6.01 -0.90 -22.94
CA PRO B 343 -7.16 -1.60 -23.53
C PRO B 343 -8.49 -1.12 -22.93
N GLY B 344 -9.46 -0.89 -23.79
CA GLY B 344 -10.79 -0.51 -23.38
C GLY B 344 -11.04 0.99 -23.35
N PHE B 345 -10.03 1.80 -23.69
CA PHE B 345 -10.17 3.24 -23.55
C PHE B 345 -10.42 3.92 -24.89
N SER B 346 -11.29 4.94 -24.87
CA SER B 346 -11.57 5.74 -26.05
C SER B 346 -12.13 7.07 -25.59
N LYS B 347 -11.85 8.13 -26.35
CA LYS B 347 -12.44 9.42 -26.05
C LYS B 347 -13.92 9.37 -26.42
N ASP B 348 -14.28 8.41 -27.27
CA ASP B 348 -15.62 8.33 -27.86
C ASP B 348 -16.62 7.46 -27.10
N ASN B 349 -16.18 6.83 -26.02
CA ASN B 349 -17.13 6.25 -25.06
C ASN B 349 -16.70 6.53 -23.63
N GLU B 350 -17.38 5.89 -22.68
CA GLU B 350 -17.13 6.15 -21.28
C GLU B 350 -15.92 5.40 -20.74
N SER B 351 -15.36 4.50 -21.53
CA SER B 351 -14.16 3.78 -21.11
C SER B 351 -14.37 3.11 -19.74
N LEU B 352 -15.53 2.51 -19.55
CA LEU B 352 -15.83 1.74 -18.35
C LEU B 352 -15.22 0.35 -18.48
N ILE B 353 -13.94 0.22 -18.14
CA ILE B 353 -13.17 -0.99 -18.38
C ILE B 353 -13.46 -2.13 -17.38
N SER B 354 -13.12 -3.36 -17.77
CA SER B 354 -13.23 -4.52 -16.91
C SER B 354 -11.99 -4.67 -16.03
N ARG B 355 -12.10 -5.52 -15.01
CA ARG B 355 -10.96 -5.84 -14.17
C ARG B 355 -9.82 -6.42 -15.00
N ALA B 356 -10.16 -7.25 -15.99
CA ALA B 356 -9.10 -7.80 -16.83
C ALA B 356 -8.41 -6.70 -17.66
N GLU B 357 -9.18 -5.70 -18.12
CA GLU B 357 -8.57 -4.60 -18.88
C GLU B 357 -7.72 -3.70 -17.96
N PHE B 358 -8.17 -3.52 -16.72
CA PHE B 358 -7.41 -2.79 -15.73
C PHE B 358 -6.07 -3.45 -15.51
N LEU B 359 -6.07 -4.77 -15.29
CA LEU B 359 -4.81 -5.48 -15.04
C LEU B 359 -3.88 -5.41 -16.25
N ALA B 360 -4.43 -5.58 -17.44
CA ALA B 360 -3.60 -5.46 -18.63
C ALA B 360 -3.07 -4.01 -18.77
N GLY B 361 -3.92 -3.02 -18.47
CA GLY B 361 -3.54 -1.62 -18.58
C GLY B 361 -2.41 -1.23 -17.65
N VAL B 362 -2.37 -1.86 -16.47
CA VAL B 362 -1.28 -1.62 -15.53
C VAL B 362 0.08 -1.91 -16.18
N ARG B 363 0.16 -2.97 -16.99
CA ARG B 363 1.44 -3.33 -17.63
C ARG B 363 1.78 -2.37 -18.78
N VAL B 364 0.75 -1.82 -19.41
CA VAL B 364 0.93 -0.83 -20.48
C VAL B 364 1.31 0.52 -19.86
N GLY B 365 0.68 0.84 -18.72
CA GLY B 365 0.91 2.11 -18.04
C GLY B 365 2.09 2.15 -17.09
N VAL B 366 2.56 0.98 -16.66
CA VAL B 366 3.80 0.91 -15.86
C VAL B 366 4.70 -0.08 -16.58
N PRO B 367 5.27 0.36 -17.71
CA PRO B 367 5.95 -0.60 -18.57
C PRO B 367 7.32 -0.99 -18.03
N GLN B 368 7.76 -2.17 -18.43
CA GLN B 368 9.08 -2.67 -18.13
C GLN B 368 9.41 -2.75 -16.65
N VAL B 369 8.45 -3.16 -15.82
CA VAL B 369 8.79 -3.50 -14.44
C VAL B 369 8.52 -4.99 -14.21
N SER B 370 9.01 -5.55 -13.11
CA SER B 370 8.79 -6.98 -12.82
C SER B 370 7.33 -7.26 -12.53
N ASP B 371 6.93 -8.53 -12.69
CA ASP B 371 5.61 -8.96 -12.24
C ASP B 371 5.34 -8.57 -10.79
N LEU B 372 6.37 -8.63 -9.95
CA LEU B 372 6.17 -8.29 -8.55
C LEU B 372 5.85 -6.80 -8.38
N ALA B 373 6.58 -5.94 -9.10
CA ALA B 373 6.31 -4.51 -9.05
C ALA B 373 4.88 -4.23 -9.55
N ALA B 374 4.47 -4.92 -10.61
CA ALA B 374 3.12 -4.73 -11.13
C ALA B 374 2.06 -5.16 -10.10
N GLU B 375 2.35 -6.25 -9.38
CA GLU B 375 1.42 -6.70 -8.34
C GLU B 375 1.32 -5.67 -7.23
N ALA B 376 2.45 -5.00 -6.92
CA ALA B 376 2.39 -3.96 -5.90
C ALA B 376 1.51 -2.78 -6.38
N VAL B 377 1.62 -2.42 -7.66
CA VAL B 377 0.75 -1.38 -8.19
C VAL B 377 -0.75 -1.75 -8.08
N VAL B 378 -1.07 -2.96 -8.51
CA VAL B 378 -2.44 -3.48 -8.44
C VAL B 378 -2.92 -3.46 -6.99
N LEU B 379 -2.05 -3.81 -6.06
CA LEU B 379 -2.41 -3.80 -4.63
C LEU B 379 -2.81 -2.41 -4.18
N HIS B 380 -1.98 -1.42 -4.51
N HIS B 380 -1.97 -1.41 -4.46
CA HIS B 380 -2.19 -0.05 -4.03
CA HIS B 380 -2.23 -0.04 -4.01
C HIS B 380 -3.32 0.69 -4.75
C HIS B 380 -3.49 0.52 -4.67
N TYR B 381 -3.63 0.27 -5.97
CA TYR B 381 -4.67 0.96 -6.73
C TYR B 381 -5.99 0.21 -6.83
N THR B 382 -6.10 -0.94 -6.16
CA THR B 382 -7.39 -1.62 -6.13
C THR B 382 -8.14 -1.24 -4.86
N ASP B 383 -9.44 -0.95 -4.98
CA ASP B 383 -10.31 -0.86 -3.80
C ASP B 383 -10.81 -2.26 -3.54
N TRP B 384 -10.34 -2.88 -2.44
CA TRP B 384 -10.62 -4.31 -2.23
C TRP B 384 -12.05 -4.59 -1.74
N LEU B 385 -12.82 -3.53 -1.51
CA LEU B 385 -14.28 -3.62 -1.33
C LEU B 385 -15.05 -3.49 -2.63
N HIS B 386 -14.39 -2.96 -3.67
CA HIS B 386 -15.03 -2.80 -4.96
C HIS B 386 -14.02 -3.14 -6.07
N PRO B 387 -13.52 -4.38 -6.08
CA PRO B 387 -12.40 -4.63 -6.98
C PRO B 387 -12.74 -4.65 -8.48
N GLU B 388 -14.02 -4.76 -8.82
CA GLU B 388 -14.34 -4.94 -10.24
C GLU B 388 -15.24 -3.86 -10.79
N ASP B 389 -15.42 -2.80 -10.02
CA ASP B 389 -16.28 -1.72 -10.44
C ASP B 389 -15.66 -0.88 -11.58
N PRO B 390 -16.28 -0.89 -12.77
CA PRO B 390 -15.69 -0.24 -13.95
C PRO B 390 -15.32 1.22 -13.80
N ALA B 391 -16.16 2.06 -13.17
CA ALA B 391 -15.82 3.48 -13.07
C ALA B 391 -14.63 3.70 -12.17
N ARG B 392 -14.59 2.99 -11.06
CA ARG B 392 -13.46 3.04 -10.14
C ARG B 392 -12.18 2.54 -10.82
N LEU B 393 -12.29 1.48 -11.60
CA LEU B 393 -11.13 0.97 -12.34
C LEU B 393 -10.62 1.99 -13.35
N ARG B 394 -11.53 2.69 -14.03
CA ARG B 394 -11.15 3.69 -15.04
C ARG B 394 -10.36 4.80 -14.37
N GLU B 395 -10.90 5.31 -13.26
CA GLU B 395 -10.25 6.34 -12.46
C GLU B 395 -8.94 5.84 -11.85
N ALA B 396 -8.90 4.58 -11.43
CA ALA B 396 -7.68 4.05 -10.83
C ALA B 396 -6.53 3.96 -11.84
N LEU B 397 -6.80 3.48 -13.05
CA LEU B 397 -5.75 3.43 -14.06
C LEU B 397 -5.26 4.83 -14.47
N SER B 398 -6.17 5.79 -14.53
CA SER B 398 -5.76 7.18 -14.74
C SER B 398 -4.83 7.65 -13.63
N ASP B 399 -5.12 7.27 -12.38
CA ASP B 399 -4.27 7.65 -11.25
C ASP B 399 -2.93 6.96 -11.36
N VAL B 400 -2.93 5.67 -11.71
CA VAL B 400 -1.67 4.92 -11.85
C VAL B 400 -0.74 5.66 -12.84
N VAL B 401 -1.29 5.95 -14.01
CA VAL B 401 -0.47 6.57 -15.07
C VAL B 401 -0.05 7.99 -14.71
N GLY B 402 -1.00 8.80 -14.20
CA GLY B 402 -0.68 10.17 -13.83
C GLY B 402 0.25 10.29 -12.62
N ASP B 403 0.05 9.44 -11.60
CA ASP B 403 0.89 9.45 -10.39
C ASP B 403 2.31 9.01 -10.71
N HIS B 404 2.45 7.88 -11.41
CA HIS B 404 3.76 7.34 -11.80
C HIS B 404 4.56 8.32 -12.67
N ASN B 405 3.89 8.93 -13.65
CA ASN B 405 4.63 9.75 -14.65
C ASN B 405 4.78 11.22 -14.27
N VAL B 406 3.83 11.78 -13.52
CA VAL B 406 3.80 13.24 -13.33
C VAL B 406 3.69 13.66 -11.86
N VAL B 407 2.60 13.28 -11.19
CA VAL B 407 2.40 13.77 -9.83
C VAL B 407 3.53 13.39 -8.89
N CYS B 408 3.88 12.12 -8.85
CA CYS B 408 4.90 11.74 -7.88
C CYS B 408 6.30 12.25 -8.21
N PRO B 409 6.70 12.22 -9.50
CA PRO B 409 7.96 12.90 -9.78
C PRO B 409 7.96 14.40 -9.41
N VAL B 410 6.89 15.13 -9.68
CA VAL B 410 6.83 16.55 -9.29
C VAL B 410 6.88 16.67 -7.73
N ALA B 411 6.14 15.81 -7.03
CA ALA B 411 6.14 15.85 -5.54
C ALA B 411 7.54 15.59 -4.98
N GLN B 412 8.25 14.63 -5.56
CA GLN B 412 9.58 14.34 -5.08
C GLN B 412 10.54 15.52 -5.32
N LEU B 413 10.47 16.08 -6.52
CA LEU B 413 11.27 17.26 -6.84
C LEU B 413 10.91 18.43 -5.89
N ALA B 414 9.62 18.68 -5.69
CA ALA B 414 9.20 19.77 -4.83
C ALA B 414 9.76 19.61 -3.39
N GLY B 415 9.60 18.41 -2.82
CA GLY B 415 10.03 18.12 -1.46
C GLY B 415 11.53 18.17 -1.28
N ARG B 416 12.28 17.62 -2.22
CA ARG B 416 13.74 17.68 -2.14
C ARG B 416 14.28 19.10 -2.28
N LEU B 417 13.79 19.85 -3.27
N LEU B 417 13.78 19.84 -3.29
CA LEU B 417 14.25 21.23 -3.45
CA LEU B 417 14.17 21.24 -3.49
C LEU B 417 13.94 22.09 -2.21
C LEU B 417 13.93 22.06 -2.22
N ALA B 418 12.73 21.96 -1.67
CA ALA B 418 12.36 22.71 -0.48
C ALA B 418 13.28 22.36 0.70
N ALA B 419 13.59 21.07 0.88
CA ALA B 419 14.36 20.64 2.05
C ALA B 419 15.82 21.02 1.87
N GLN B 420 16.22 21.23 0.63
CA GLN B 420 17.60 21.56 0.36
C GLN B 420 17.83 23.01 -0.01
N GLY B 421 16.93 23.89 0.42
CA GLY B 421 17.21 25.31 0.32
C GLY B 421 16.30 26.18 -0.54
N ALA B 422 15.56 25.56 -1.45
CA ALA B 422 14.78 26.35 -2.40
C ALA B 422 13.49 26.87 -1.77
N ARG B 423 12.99 27.99 -2.26
CA ARG B 423 11.63 28.38 -1.92
C ARG B 423 10.72 27.80 -3.00
N VAL B 424 9.70 27.03 -2.61
CA VAL B 424 8.87 26.32 -3.58
C VAL B 424 7.40 26.66 -3.42
N TYR B 425 6.71 26.83 -4.55
CA TYR B 425 5.26 27.02 -4.52
C TYR B 425 4.64 25.92 -5.37
N ALA B 426 3.55 25.31 -4.90
CA ALA B 426 2.93 24.20 -5.63
C ALA B 426 1.44 24.44 -5.83
N TYR B 427 0.90 23.92 -6.94
CA TYR B 427 -0.52 24.10 -7.21
C TYR B 427 -1.08 22.80 -7.80
N VAL B 428 -2.39 22.67 -7.74
CA VAL B 428 -3.08 21.73 -8.59
C VAL B 428 -4.10 22.58 -9.35
N PHE B 429 -4.16 22.39 -10.66
CA PHE B 429 -5.03 23.18 -11.51
C PHE B 429 -6.31 22.38 -11.75
N GLU B 430 -7.45 22.95 -11.37
CA GLU B 430 -8.68 22.16 -11.31
C GLU B 430 -9.85 22.64 -12.14
N HIS B 431 -9.61 23.61 -13.01
CA HIS B 431 -10.69 24.09 -13.87
C HIS B 431 -10.73 23.39 -15.21
N ARG B 432 -11.88 22.81 -15.53
CA ARG B 432 -12.07 22.24 -16.85
C ARG B 432 -12.58 23.34 -17.79
N ALA B 433 -11.81 23.70 -18.82
CA ALA B 433 -12.21 24.73 -19.79
C ALA B 433 -13.60 24.48 -20.38
N SER B 434 -14.41 25.53 -20.45
CA SER B 434 -15.75 25.45 -21.08
C SER B 434 -15.65 24.97 -22.53
N THR B 435 -14.50 25.19 -23.14
CA THR B 435 -14.28 24.84 -24.54
C THR B 435 -13.62 23.48 -24.74
N LEU B 436 -13.33 22.77 -23.66
CA LEU B 436 -12.59 21.49 -23.78
C LEU B 436 -13.33 20.49 -24.69
N SER B 437 -12.63 19.87 -25.63
CA SER B 437 -13.31 18.98 -26.57
C SER B 437 -13.20 17.50 -26.23
N TRP B 438 -12.30 17.16 -25.29
CA TRP B 438 -12.23 15.80 -24.75
C TRP B 438 -13.47 15.50 -23.87
N PRO B 439 -13.84 14.21 -23.74
CA PRO B 439 -15.01 13.81 -22.95
C PRO B 439 -14.88 14.13 -21.45
N LEU B 440 -16.04 14.22 -20.83
CA LEU B 440 -16.15 14.58 -19.42
C LEU B 440 -15.38 13.62 -18.51
N TRP B 441 -15.34 12.33 -18.85
CA TRP B 441 -14.64 11.39 -17.98
C TRP B 441 -13.15 11.68 -17.83
N MET B 442 -12.55 12.38 -18.79
N MET B 442 -12.55 12.40 -18.78
CA MET B 442 -11.12 12.71 -18.71
CA MET B 442 -11.13 12.68 -18.69
C MET B 442 -10.80 13.77 -17.66
C MET B 442 -10.79 13.82 -17.73
N GLY B 443 -11.82 14.50 -17.22
CA GLY B 443 -11.63 15.52 -16.20
C GLY B 443 -10.86 16.73 -16.73
N VAL B 444 -9.85 17.17 -15.99
CA VAL B 444 -8.94 18.22 -16.45
C VAL B 444 -7.66 17.55 -16.89
N PRO B 445 -7.48 17.34 -18.20
CA PRO B 445 -6.35 16.50 -18.64
C PRO B 445 -5.03 17.25 -18.78
N HIS B 446 -3.98 16.48 -18.95
CA HIS B 446 -2.63 16.97 -19.16
C HIS B 446 -2.62 18.03 -20.28
N GLY B 447 -2.06 19.21 -20.02
CA GLY B 447 -1.84 20.24 -21.03
C GLY B 447 -2.89 21.35 -20.99
N TYR B 448 -3.97 21.15 -20.22
CA TYR B 448 -5.12 22.05 -20.29
C TYR B 448 -5.12 23.22 -19.30
N GLU B 449 -4.02 23.38 -18.57
CA GLU B 449 -3.82 24.65 -17.88
C GLU B 449 -3.10 25.69 -18.78
N ILE B 450 -2.34 25.23 -19.78
CA ILE B 450 -1.48 26.15 -20.56
C ILE B 450 -2.27 27.33 -21.15
N GLU B 451 -3.38 27.03 -21.79
CA GLU B 451 -4.20 28.11 -22.40
C GLU B 451 -4.60 29.22 -21.40
N PHE B 452 -4.77 28.88 -20.11
CA PHE B 452 -5.10 29.89 -19.12
C PHE B 452 -3.89 30.68 -18.72
N ILE B 453 -2.76 30.01 -18.60
CA ILE B 453 -1.53 30.67 -18.19
C ILE B 453 -1.10 31.68 -19.27
N PHE B 454 -1.38 31.34 -20.54
CA PHE B 454 -1.01 32.23 -21.66
C PHE B 454 -2.09 33.28 -21.95
N GLY B 455 -3.21 33.24 -21.23
CA GLY B 455 -4.23 34.26 -21.41
C GLY B 455 -5.04 34.10 -22.68
N ILE B 456 -4.97 32.89 -23.25
CA ILE B 456 -5.74 32.57 -24.46
C ILE B 456 -7.24 32.94 -24.37
N PRO B 457 -7.88 32.80 -23.18
CA PRO B 457 -9.30 33.18 -23.14
C PRO B 457 -9.58 34.65 -23.48
N LEU B 458 -8.57 35.51 -23.40
CA LEU B 458 -8.76 36.90 -23.77
C LEU B 458 -8.87 37.14 -25.27
N ASP B 459 -8.61 36.11 -26.08
CA ASP B 459 -8.78 36.19 -27.54
C ASP B 459 -10.27 36.16 -27.92
N PRO B 460 -10.76 37.27 -28.49
CA PRO B 460 -12.18 37.45 -28.85
C PRO B 460 -12.74 36.32 -29.71
N SER B 461 -11.97 35.88 -30.70
CA SER B 461 -12.42 34.83 -31.63
C SER B 461 -12.69 33.51 -30.92
N ARG B 462 -12.20 33.41 -29.69
CA ARG B 462 -12.50 32.23 -28.89
C ARG B 462 -13.69 32.51 -27.97
N ASN B 463 -14.35 31.45 -27.53
CA ASN B 463 -15.64 31.59 -26.88
C ASN B 463 -15.60 31.19 -25.41
N TYR B 464 -14.56 31.62 -24.70
CA TYR B 464 -14.46 31.37 -23.27
C TYR B 464 -15.46 32.28 -22.55
N THR B 465 -15.86 31.90 -21.34
CA THR B 465 -16.76 32.73 -20.55
C THR B 465 -16.01 33.90 -19.92
N ALA B 466 -16.76 34.88 -19.43
CA ALA B 466 -16.14 36.02 -18.79
C ALA B 466 -15.39 35.62 -17.52
N GLU B 467 -15.97 34.69 -16.74
CA GLU B 467 -15.30 34.16 -15.55
C GLU B 467 -13.91 33.58 -15.88
N GLU B 468 -13.86 32.84 -16.99
CA GLU B 468 -12.61 32.25 -17.47
C GLU B 468 -11.58 33.32 -17.86
N LYS B 469 -12.05 34.44 -18.40
CA LYS B 469 -11.13 35.54 -18.72
C LYS B 469 -10.54 36.10 -17.45
N ILE B 470 -11.38 36.25 -16.43
CA ILE B 470 -10.94 36.75 -15.13
C ILE B 470 -9.96 35.77 -14.48
N PHE B 471 -10.32 34.49 -14.54
CA PHE B 471 -9.44 33.42 -14.07
C PHE B 471 -8.07 33.47 -14.78
N ALA B 472 -8.09 33.56 -16.11
CA ALA B 472 -6.82 33.68 -16.86
C ALA B 472 -5.98 34.86 -16.39
N GLN B 473 -6.63 36.00 -16.16
CA GLN B 473 -5.91 37.18 -15.68
C GLN B 473 -5.29 36.96 -14.30
N ARG B 474 -6.02 36.26 -13.43
CA ARG B 474 -5.46 35.85 -12.13
C ARG B 474 -4.18 35.02 -12.31
N LEU B 475 -4.25 34.00 -13.16
CA LEU B 475 -3.10 33.10 -13.33
C LEU B 475 -1.90 33.81 -13.92
N MET B 476 -2.15 34.63 -14.95
CA MET B 476 -1.05 35.39 -15.57
C MET B 476 -0.39 36.24 -14.50
N ARG B 477 -1.22 36.77 -13.59
CA ARG B 477 -0.72 37.63 -12.51
C ARG B 477 0.17 36.86 -11.54
N TYR B 478 -0.28 35.67 -11.10
CA TYR B 478 0.58 34.79 -10.26
C TYR B 478 1.88 34.46 -10.94
N TRP B 479 1.79 34.05 -12.22
CA TRP B 479 3.00 33.66 -12.94
C TRP B 479 3.97 34.83 -13.08
N ALA B 480 3.44 35.99 -13.44
CA ALA B 480 4.32 37.13 -13.64
C ALA B 480 4.81 37.68 -12.29
N ASN B 481 3.96 37.64 -11.26
CA ASN B 481 4.46 38.00 -9.91
C ASN B 481 5.66 37.14 -9.55
N PHE B 482 5.54 35.84 -9.83
CA PHE B 482 6.59 34.91 -9.54
C PHE B 482 7.83 35.25 -10.35
N ALA B 483 7.65 35.52 -11.64
CA ALA B 483 8.78 35.91 -12.48
C ALA B 483 9.45 37.18 -11.92
N ARG B 484 8.62 38.14 -11.50
CA ARG B 484 9.19 39.41 -11.02
C ARG B 484 9.87 39.30 -9.65
N THR B 485 9.26 38.55 -8.73
CA THR B 485 9.69 38.58 -7.31
C THR B 485 10.11 37.23 -6.72
N GLY B 486 9.82 36.13 -7.40
CA GLY B 486 10.05 34.81 -6.83
C GLY B 486 8.94 34.38 -5.89
N ASP B 487 7.81 35.10 -5.94
CA ASP B 487 6.68 34.84 -5.09
C ASP B 487 5.41 35.20 -5.86
N PRO B 488 4.49 34.25 -6.02
CA PRO B 488 3.30 34.55 -6.81
C PRO B 488 2.30 35.49 -6.12
N ASN B 489 2.43 35.73 -4.81
CA ASN B 489 1.46 36.57 -4.09
C ASN B 489 1.61 38.06 -4.42
N GLU B 490 0.47 38.73 -4.41
CA GLU B 490 0.34 40.17 -4.71
C GLU B 490 0.94 41.10 -3.65
N PRO B 491 2.03 41.79 -4.02
CA PRO B 491 2.76 42.75 -3.18
C PRO B 491 1.83 43.72 -2.43
N PRO B 494 -2.65 41.50 -0.02
CA PRO B 494 -3.46 42.28 0.94
C PRO B 494 -4.53 41.44 1.68
N LYS B 495 -5.79 41.71 1.37
CA LYS B 495 -6.90 40.94 1.92
C LYS B 495 -7.14 39.70 1.07
N ALA B 496 -6.30 39.51 0.06
CA ALA B 496 -6.36 38.34 -0.82
C ALA B 496 -5.81 37.08 -0.14
N PRO B 497 -6.45 35.93 -0.39
CA PRO B 497 -5.98 34.64 0.13
C PRO B 497 -4.55 34.37 -0.34
N GLN B 498 -3.70 33.92 0.59
CA GLN B 498 -2.28 33.82 0.30
C GLN B 498 -1.87 32.40 -0.05
N TRP B 499 -0.92 32.28 -0.95
CA TRP B 499 -0.37 31.03 -1.40
C TRP B 499 0.88 30.76 -0.57
N PRO B 500 0.84 29.77 0.35
CA PRO B 500 2.00 29.47 1.19
C PRO B 500 3.05 28.65 0.43
N PRO B 501 4.33 28.80 0.78
CA PRO B 501 5.36 27.92 0.22
C PRO B 501 5.12 26.44 0.53
N TYR B 502 5.60 25.59 -0.36
CA TYR B 502 5.51 24.13 -0.21
C TYR B 502 6.73 23.70 0.58
N THR B 503 6.55 22.84 1.58
CA THR B 503 7.69 22.31 2.35
C THR B 503 7.51 20.80 2.48
N ALA B 504 8.61 20.09 2.75
CA ALA B 504 8.59 18.64 2.82
C ALA B 504 7.69 18.10 3.93
N GLY B 505 7.58 18.84 5.03
CA GLY B 505 6.72 18.43 6.13
C GLY B 505 5.25 18.78 5.95
N ALA B 506 4.95 20.08 5.89
CA ALA B 506 3.55 20.50 5.75
C ALA B 506 2.95 20.24 4.35
N GLN B 507 3.78 20.25 3.30
CA GLN B 507 3.31 19.88 1.96
C GLN B 507 2.10 20.70 1.49
N GLN B 508 2.11 22.00 1.75
CA GLN B 508 0.96 22.83 1.37
C GLN B 508 0.99 23.24 -0.11
N TYR B 509 -0.15 23.18 -0.77
CA TYR B 509 -0.23 23.63 -2.13
C TYR B 509 -1.59 24.28 -2.28
N VAL B 510 -1.80 25.05 -3.34
CA VAL B 510 -3.12 25.61 -3.59
C VAL B 510 -3.88 25.02 -4.77
N SER B 511 -5.20 25.14 -4.70
N SER B 511 -5.20 25.13 -4.71
CA SER B 511 -6.09 24.75 -5.79
CA SER B 511 -6.06 24.75 -5.80
C SER B 511 -6.36 25.96 -6.71
C SER B 511 -6.28 25.97 -6.70
N LEU B 512 -6.04 25.82 -8.00
CA LEU B 512 -6.28 26.90 -8.96
C LEU B 512 -7.56 26.57 -9.71
N ASP B 513 -8.57 27.44 -9.57
CA ASP B 513 -9.89 27.17 -10.14
C ASP B 513 -10.64 28.53 -10.11
N LEU B 514 -11.89 28.54 -10.55
CA LEU B 514 -12.64 29.81 -10.58
C LEU B 514 -12.81 30.43 -9.17
N ARG B 515 -13.06 29.59 -8.17
CA ARG B 515 -13.14 30.02 -6.77
C ARG B 515 -11.80 30.54 -6.31
N PRO B 516 -11.75 31.27 -5.19
CA PRO B 516 -10.46 31.73 -4.66
C PRO B 516 -9.56 30.58 -4.22
N LEU B 517 -8.27 30.84 -4.05
CA LEU B 517 -7.30 29.83 -3.60
C LEU B 517 -7.78 29.10 -2.36
N GLU B 518 -7.66 27.77 -2.35
CA GLU B 518 -7.87 26.96 -1.16
C GLU B 518 -6.55 26.24 -0.88
N VAL B 519 -6.04 26.33 0.35
CA VAL B 519 -4.78 25.68 0.73
C VAL B 519 -5.06 24.23 1.09
N ARG B 520 -4.28 23.29 0.58
CA ARG B 520 -4.46 21.87 0.93
C ARG B 520 -3.10 21.29 1.27
N ARG B 521 -3.07 20.05 1.76
CA ARG B 521 -1.84 19.40 2.20
C ARG B 521 -1.65 18.09 1.46
N GLY B 522 -0.44 17.87 0.96
CA GLY B 522 -0.04 16.58 0.45
C GLY B 522 -0.36 16.41 -1.02
N LEU B 523 0.68 16.27 -1.85
CA LEU B 523 0.48 15.96 -3.27
C LEU B 523 0.36 14.44 -3.40
N ARG B 524 -0.86 13.91 -3.24
CA ARG B 524 -1.10 12.48 -3.25
C ARG B 524 -0.04 11.75 -2.42
N ALA B 525 0.09 12.19 -1.16
CA ALA B 525 1.14 11.72 -0.27
C ALA B 525 1.18 10.20 -0.09
N GLN B 526 0.05 9.54 0.11
CA GLN B 526 0.04 8.09 0.30
C GLN B 526 0.50 7.39 -0.96
N ALA B 527 -0.08 7.76 -2.11
CA ALA B 527 0.36 7.20 -3.39
C ALA B 527 1.81 7.52 -3.68
N CYS B 528 2.23 8.76 -3.46
CA CYS B 528 3.60 9.10 -3.83
C CYS B 528 4.63 8.47 -2.89
N ALA B 529 4.23 8.12 -1.66
CA ALA B 529 5.13 7.37 -0.78
C ALA B 529 5.41 6.05 -1.46
N PHE B 530 4.37 5.45 -2.03
CA PHE B 530 4.56 4.20 -2.77
C PHE B 530 5.57 4.36 -3.96
N TRP B 531 5.33 5.34 -4.83
CA TRP B 531 6.18 5.49 -6.03
C TRP B 531 7.59 5.99 -5.73
N ASN B 532 7.68 6.91 -4.79
CA ASN B 532 8.96 7.55 -4.49
C ASN B 532 9.84 6.86 -3.44
N ARG B 533 9.22 6.22 -2.45
CA ARG B 533 9.99 5.64 -1.36
C ARG B 533 10.09 4.12 -1.46
N PHE B 534 8.99 3.44 -1.75
CA PHE B 534 9.01 1.97 -1.69
C PHE B 534 9.35 1.28 -2.99
N LEU B 535 8.63 1.63 -4.05
CA LEU B 535 8.83 0.94 -5.33
C LEU B 535 10.28 0.93 -5.81
N PRO B 536 11.04 2.00 -5.57
CA PRO B 536 12.43 1.84 -6.02
C PRO B 536 13.20 0.74 -5.25
N LYS B 537 12.90 0.56 -3.97
CA LYS B 537 13.58 -0.45 -3.16
C LYS B 537 13.19 -1.82 -3.69
N LEU B 538 11.93 -1.95 -4.04
CA LEU B 538 11.46 -3.21 -4.59
C LEU B 538 12.17 -3.50 -5.90
N LEU B 539 12.27 -2.50 -6.77
CA LEU B 539 12.92 -2.72 -8.07
C LEU B 539 14.40 -3.15 -7.94
N SER B 540 15.09 -2.61 -6.94
CA SER B 540 16.48 -2.99 -6.66
C SER B 540 16.66 -4.45 -6.20
N ALA B 541 15.66 -5.00 -5.52
CA ALA B 541 15.71 -6.39 -5.07
C ALA B 541 14.77 -7.29 -5.88
#